data_4ZWP
#
_entry.id   4ZWP
#
_cell.length_a   104.493
_cell.length_b   68.179
_cell.length_c   142.479
_cell.angle_alpha   90.000
_cell.angle_beta   110.500
_cell.angle_gamma   90.000
#
_symmetry.space_group_name_H-M   'C 1 2 1'
#
loop_
_entity.id
_entity.type
_entity.pdbx_description
1 polymer 'OPAA organophosphate prolidase anhydrolase'
2 non-polymer 'MANGANESE (II) ION'
3 non-polymer 'BARIUM ION'
4 non-polymer "N,N'-bis(1-methylethyl)phosphorodiamidic acid"
5 non-polymer GLYCEROL
6 water water
#
_entity_poly.entity_id   1
_entity_poly.type   'polypeptide(L)'
_entity_poly.pdbx_seq_one_letter_code
;MNKLAVLYAEHIATLQKRTREIIERENLDGVVFHSGQAKRQFLDDMYYPFKVNPQFKAWLPVIDNPHCWIVANGTDKPKL
IFYRPVDFWHKVPDEPNEYWADYFDIELLVKPDQVEKLLPYDKARFAYIGEYLEVAQALGFELMNPEPVMNFYHYHRAYK
TQYELACMREANKIAVQGHKAARDAFFQGKSEFEIQQAYLLATQHSENDTPFGNIVALNENCAILHYTHFDRVAPATHRS
FLIDAGANFNGYAADITRTYDFTGEGEFAELVATMKQHQIALCNQLAPGKLYGELHLDCHQRVAQTLSDFNIVNLSADEI
VAKGITSTFFPHGLGHHIGLQVHDVGGFMADEQGAHQEPPEGHPFLRCTRKIEANQVFTIEPGLYFIDSLLGDLAATDNN
QHINWDKVAELKPFGGIRIEDNIIVHEDSLENMTRELELD
;
_entity_poly.pdbx_strand_id   A,B
#
loop_
_chem_comp.id
_chem_comp.type
_chem_comp.name
_chem_comp.formula
BA non-polymer 'BARIUM ION' 'Ba 2'
GOL non-polymer GLYCEROL 'C3 H8 O3'
M44 non-polymer 'N,N'-bis(1-methylethyl)phosphorodiamidic acid' 'C6 H17 N2 O2 P'
MN non-polymer 'MANGANESE (II) ION' 'Mn 2'
#
# COMPACT_ATOMS: atom_id res chain seq x y z
N LYS A 3 9.70 -25.11 18.38
CA LYS A 3 10.31 -23.85 18.76
C LYS A 3 11.27 -23.32 17.69
N LEU A 4 11.04 -22.07 17.30
CA LEU A 4 11.81 -21.39 16.28
C LEU A 4 13.18 -20.97 16.79
N ALA A 5 13.27 -20.72 18.09
CA ALA A 5 14.49 -20.18 18.66
C ALA A 5 15.67 -21.13 18.51
N VAL A 6 15.41 -22.43 18.60
CA VAL A 6 16.45 -23.43 18.47
C VAL A 6 17.00 -23.45 17.03
N LEU A 7 16.10 -23.43 16.05
CA LEU A 7 16.48 -23.41 14.65
C LEU A 7 17.15 -22.10 14.28
N TYR A 8 16.72 -21.02 14.95
CA TYR A 8 17.22 -19.69 14.65
C TYR A 8 18.70 -19.53 15.00
N ALA A 9 19.09 -20.06 16.16
CA ALA A 9 20.49 -20.14 16.53
C ALA A 9 21.37 -20.70 15.41
N GLU A 10 20.87 -21.73 14.74
CA GLU A 10 21.62 -22.38 13.66
C GLU A 10 21.61 -21.49 12.41
N HIS A 11 20.50 -20.80 12.21
CA HIS A 11 20.35 -19.85 11.11
C HIS A 11 21.40 -18.72 11.15
N ILE A 12 21.56 -18.08 12.31
CA ILE A 12 22.57 -17.05 12.51
C ILE A 12 23.96 -17.61 12.26
N ALA A 13 24.20 -18.81 12.77
CA ALA A 13 25.49 -19.44 12.62
C ALA A 13 25.78 -19.68 11.13
N THR A 14 24.75 -20.03 10.36
CA THR A 14 24.95 -20.26 8.94
C THR A 14 25.28 -18.96 8.23
N LEU A 15 24.46 -17.92 8.48
CA LEU A 15 24.67 -16.61 7.85
C LEU A 15 26.04 -16.03 8.22
N GLN A 16 26.47 -16.21 9.47
CA GLN A 16 27.79 -15.79 9.91
C GLN A 16 28.89 -16.51 9.14
N LYS A 17 28.67 -17.78 8.87
CA LYS A 17 29.62 -18.60 8.13
C LYS A 17 29.70 -18.08 6.71
N ARG A 18 28.54 -17.80 6.12
CA ARG A 18 28.48 -17.32 4.75
C ARG A 18 29.18 -15.95 4.62
N THR A 19 28.93 -15.07 5.59
CA THR A 19 29.51 -13.74 5.60
C THR A 19 31.04 -13.81 5.70
N ARG A 20 31.52 -14.60 6.67
CA ARG A 20 32.93 -14.89 6.82
C ARG A 20 33.57 -15.27 5.48
N GLU A 21 32.96 -16.20 4.77
CA GLU A 21 33.50 -16.62 3.48
C GLU A 21 33.57 -15.49 2.46
N ILE A 22 32.48 -14.75 2.24
CA ILE A 22 32.49 -13.76 1.16
C ILE A 22 33.34 -12.54 1.50
N ILE A 23 33.42 -12.15 2.77
CA ILE A 23 34.23 -10.99 3.11
C ILE A 23 35.74 -11.31 3.10
N GLU A 24 36.10 -12.56 3.37
CA GLU A 24 37.48 -12.99 3.15
C GLU A 24 37.80 -12.97 1.65
N ARG A 25 37.01 -13.72 0.88
CA ARG A 25 37.16 -13.81 -0.56
C ARG A 25 37.23 -12.45 -1.26
N GLU A 26 36.36 -11.52 -0.88
CA GLU A 26 36.34 -10.22 -1.55
C GLU A 26 37.13 -9.14 -0.79
N ASN A 27 37.97 -9.56 0.15
CA ASN A 27 38.89 -8.69 0.87
C ASN A 27 38.22 -7.51 1.60
N LEU A 28 37.06 -7.76 2.19
CA LEU A 28 36.32 -6.70 2.89
C LEU A 28 36.56 -6.75 4.40
N ASP A 29 36.25 -5.64 5.07
CA ASP A 29 36.22 -5.60 6.53
C ASP A 29 34.89 -6.10 7.06
N GLY A 30 33.81 -5.79 6.32
CA GLY A 30 32.48 -6.17 6.76
C GLY A 30 31.44 -5.89 5.71
N VAL A 31 30.20 -6.22 6.02
CA VAL A 31 29.07 -5.89 5.17
C VAL A 31 28.03 -5.16 6.01
N VAL A 32 27.43 -4.13 5.42
CA VAL A 32 26.43 -3.31 6.08
C VAL A 32 25.09 -3.46 5.37
N PHE A 33 24.10 -4.01 6.07
CA PHE A 33 22.78 -4.21 5.49
C PHE A 33 21.80 -3.16 5.98
N HIS A 34 21.22 -2.42 5.03
CA HIS A 34 20.33 -1.30 5.32
C HIS A 34 18.84 -1.68 5.12
N SER A 35 18.06 -1.66 6.19
CA SER A 35 16.68 -2.15 6.09
C SER A 35 15.87 -1.37 5.05
N GLY A 36 16.16 -0.07 4.95
CA GLY A 36 15.47 0.79 3.99
C GLY A 36 15.00 2.11 4.61
N GLN A 37 14.09 2.78 3.92
CA GLN A 37 13.48 3.99 4.46
C GLN A 37 12.00 4.08 4.11
N ALA A 38 11.31 5.00 4.77
CA ALA A 38 9.98 5.44 4.38
C ALA A 38 10.06 6.31 3.11
N LYS A 39 9.25 5.97 2.11
CA LYS A 39 9.11 6.83 0.93
C LYS A 39 7.91 7.78 1.04
N ARG A 40 8.18 9.09 0.89
CA ARG A 40 7.14 10.10 0.96
C ARG A 40 6.45 10.30 -0.40
N GLN A 41 5.15 10.49 -0.40
CA GLN A 41 4.44 10.74 -1.66
C GLN A 41 4.64 12.18 -2.13
N PHE A 42 4.81 12.36 -3.43
CA PHE A 42 5.06 13.65 -4.04
C PHE A 42 4.08 14.74 -3.58
N LEU A 43 4.64 15.90 -3.20
CA LEU A 43 3.90 17.05 -2.69
C LEU A 43 2.97 16.74 -1.51
N ASP A 44 3.13 15.56 -0.92
CA ASP A 44 2.23 15.16 0.16
C ASP A 44 3.03 14.84 1.42
N ASP A 45 2.33 14.65 2.54
CA ASP A 45 2.96 14.16 3.75
C ASP A 45 2.48 12.76 4.09
N MET A 46 1.95 12.04 3.12
CA MET A 46 1.63 10.62 3.29
C MET A 46 2.81 9.80 2.80
N TYR A 47 2.96 8.57 3.32
CA TYR A 47 4.06 7.67 2.97
C TYR A 47 3.57 6.39 2.30
N TYR A 48 4.38 5.82 1.41
CA TYR A 48 4.05 4.51 0.83
C TYR A 48 4.23 3.49 1.93
N PRO A 49 3.60 2.32 1.82
CA PRO A 49 3.87 1.33 2.87
C PRO A 49 5.35 0.90 2.84
N PHE A 50 5.94 0.62 3.99
CA PHE A 50 7.35 0.28 4.03
C PHE A 50 7.61 -1.18 3.60
N LYS A 51 8.56 -1.35 2.69
CA LYS A 51 9.00 -2.67 2.21
C LYS A 51 10.48 -2.85 2.50
N VAL A 52 10.79 -3.78 3.40
CA VAL A 52 12.16 -3.97 3.86
C VAL A 52 13.08 -4.57 2.77
N ASN A 53 14.34 -4.15 2.78
CA ASN A 53 15.44 -4.79 2.03
C ASN A 53 15.53 -6.30 2.30
N PRO A 54 15.30 -7.14 1.27
CA PRO A 54 15.36 -8.59 1.46
C PRO A 54 16.64 -9.05 2.15
N GLN A 55 17.75 -8.40 1.81
CA GLN A 55 19.04 -8.77 2.37
C GLN A 55 19.16 -8.42 3.85
N PHE A 56 18.30 -7.50 4.31
CA PHE A 56 18.26 -7.16 5.73
C PHE A 56 17.52 -8.23 6.50
N LYS A 57 16.32 -8.56 6.03
CA LYS A 57 15.44 -9.43 6.78
C LYS A 57 15.91 -10.88 6.69
N ALA A 58 16.84 -11.14 5.76
CA ALA A 58 17.49 -12.46 5.68
C ALA A 58 18.12 -12.84 7.02
N TRP A 59 18.46 -11.82 7.81
CA TRP A 59 19.12 -12.04 9.10
C TRP A 59 18.12 -12.23 10.25
N LEU A 60 16.98 -11.53 10.19
CA LEU A 60 16.04 -11.49 11.31
C LEU A 60 14.66 -10.97 10.91
N PRO A 61 13.62 -11.41 11.65
CA PRO A 61 12.27 -11.00 11.31
C PRO A 61 11.94 -9.59 11.78
N VAL A 62 12.59 -8.60 11.18
CA VAL A 62 12.22 -7.20 11.40
C VAL A 62 11.95 -6.62 10.04
N ILE A 63 10.68 -6.60 9.67
CA ILE A 63 10.28 -6.29 8.31
C ILE A 63 9.41 -5.03 8.21
N ASP A 64 9.20 -4.37 9.35
CA ASP A 64 8.39 -3.16 9.39
C ASP A 64 9.13 -1.96 9.97
N ASN A 65 10.47 -2.00 9.95
CA ASN A 65 11.24 -0.91 10.56
C ASN A 65 12.33 -0.37 9.61
N PRO A 66 12.13 0.87 9.14
CA PRO A 66 13.14 1.56 8.33
C PRO A 66 14.32 2.01 9.19
N HIS A 67 15.38 2.48 8.54
CA HIS A 67 16.52 3.07 9.24
C HIS A 67 17.22 2.08 10.17
N CYS A 68 17.06 0.79 9.89
CA CYS A 68 17.83 -0.19 10.64
C CYS A 68 19.06 -0.63 9.86
N TRP A 69 20.11 -0.99 10.58
CA TRP A 69 21.38 -1.35 9.96
C TRP A 69 21.93 -2.62 10.58
N ILE A 70 22.56 -3.45 9.76
CA ILE A 70 23.29 -4.59 10.26
C ILE A 70 24.72 -4.49 9.78
N VAL A 71 25.66 -4.60 10.72
CA VAL A 71 27.08 -4.68 10.41
C VAL A 71 27.62 -6.05 10.80
N ALA A 72 28.01 -6.86 9.82
CA ALA A 72 28.50 -8.21 10.12
C ALA A 72 29.83 -8.49 9.44
N ASN A 73 30.68 -9.25 10.12
CA ASN A 73 31.92 -9.69 9.51
C ASN A 73 32.08 -11.21 9.58
N GLY A 74 31.12 -11.88 10.21
CA GLY A 74 31.10 -13.34 10.24
C GLY A 74 31.88 -13.98 11.37
N THR A 75 32.60 -13.14 12.12
CA THR A 75 33.37 -13.63 13.25
C THR A 75 32.80 -13.04 14.56
N ASP A 76 32.77 -11.71 14.68
CA ASP A 76 32.07 -11.05 15.81
C ASP A 76 30.56 -11.19 15.70
N LYS A 77 29.86 -10.96 16.81
CA LYS A 77 28.40 -10.90 16.75
C LYS A 77 27.98 -9.82 15.76
N PRO A 78 26.97 -10.11 14.96
CA PRO A 78 26.47 -9.06 14.08
C PRO A 78 25.95 -7.89 14.89
N LYS A 79 26.30 -6.69 14.45
CA LYS A 79 25.80 -5.48 15.07
C LYS A 79 24.45 -5.10 14.48
N LEU A 80 23.50 -4.78 15.33
CA LEU A 80 22.22 -4.28 14.82
C LEU A 80 21.96 -2.87 15.34
N ILE A 81 21.79 -1.95 14.39
CA ILE A 81 21.29 -0.61 14.65
C ILE A 81 19.78 -0.62 14.49
N PHE A 82 19.08 -0.48 15.61
CA PHE A 82 17.63 -0.62 15.63
C PHE A 82 16.94 0.73 15.81
N TYR A 83 16.25 1.18 14.79
CA TYR A 83 15.57 2.47 14.84
C TYR A 83 14.39 2.44 15.81
N ARG A 84 14.24 3.51 16.58
CA ARG A 84 13.23 3.55 17.63
C ARG A 84 13.05 4.99 18.11
N PRO A 85 12.19 5.76 17.44
CA PRO A 85 11.96 7.16 17.80
C PRO A 85 11.27 7.32 19.14
N VAL A 86 11.25 8.53 19.68
CA VAL A 86 10.62 8.76 20.98
C VAL A 86 9.54 9.83 20.98
N ASP A 87 9.17 10.34 19.81
CA ASP A 87 8.15 11.38 19.76
C ASP A 87 6.81 10.86 20.33
N PHE A 88 6.10 11.74 21.03
CA PHE A 88 4.86 11.37 21.74
C PHE A 88 3.75 10.84 20.84
N TRP A 89 3.89 11.01 19.52
CA TRP A 89 2.93 10.48 18.56
C TRP A 89 3.00 8.96 18.54
N ASN A 97 13.18 -7.51 22.36
CA ASN A 97 13.14 -8.40 23.52
C ASN A 97 12.81 -9.85 23.15
N GLU A 98 12.69 -10.12 21.86
CA GLU A 98 12.38 -11.48 21.40
C GLU A 98 13.64 -12.33 21.30
N TYR A 99 13.45 -13.61 20.99
CA TYR A 99 14.56 -14.57 20.98
C TYR A 99 15.71 -14.14 20.07
N TRP A 100 15.41 -13.44 18.98
CA TRP A 100 16.47 -13.10 18.03
C TRP A 100 17.39 -12.00 18.57
N ALA A 101 16.94 -11.31 19.61
CA ALA A 101 17.66 -10.14 20.09
C ALA A 101 19.02 -10.55 20.63
N ASP A 102 19.06 -11.65 21.37
CA ASP A 102 20.28 -12.12 22.02
C ASP A 102 21.46 -12.35 21.07
N TYR A 103 21.17 -12.45 19.77
CA TYR A 103 22.20 -12.75 18.77
C TYR A 103 22.85 -11.52 18.14
N PHE A 104 22.45 -10.33 18.58
CA PHE A 104 23.03 -9.10 18.05
C PHE A 104 23.52 -8.23 19.18
N ASP A 105 24.59 -7.47 18.92
CA ASP A 105 24.89 -6.31 19.75
C ASP A 105 24.01 -5.18 19.25
N ILE A 106 23.02 -4.80 20.03
CA ILE A 106 21.99 -3.87 19.59
C ILE A 106 22.22 -2.43 20.05
N GLU A 107 22.25 -1.51 19.11
CA GLU A 107 22.32 -0.09 19.44
C GLU A 107 21.04 0.60 18.98
N LEU A 108 20.37 1.30 19.90
CA LEU A 108 19.15 2.01 19.58
C LEU A 108 19.43 3.36 18.91
N LEU A 109 18.70 3.64 17.84
CA LEU A 109 18.83 4.89 17.10
C LEU A 109 17.53 5.70 17.24
N VAL A 110 17.60 6.97 17.65
CA VAL A 110 16.38 7.77 17.84
C VAL A 110 16.04 8.64 16.62
N LYS A 111 17.06 9.07 15.90
CA LYS A 111 16.88 9.86 14.68
C LYS A 111 17.80 9.28 13.61
N PRO A 112 17.27 9.08 12.40
CA PRO A 112 18.01 8.43 11.32
C PRO A 112 19.35 9.12 11.03
N ASP A 113 19.39 10.45 11.13
CA ASP A 113 20.61 11.18 10.79
C ASP A 113 21.67 11.03 11.89
N GLN A 114 21.34 10.36 12.98
CA GLN A 114 22.30 10.09 14.05
C GLN A 114 22.97 8.73 13.89
N VAL A 115 22.78 8.09 12.73
CA VAL A 115 23.34 6.76 12.49
C VAL A 115 24.84 6.84 12.26
N GLU A 116 25.30 8.03 11.87
CA GLU A 116 26.67 8.17 11.45
C GLU A 116 27.68 7.90 12.56
N LYS A 117 27.29 8.15 13.80
CA LYS A 117 28.20 7.88 14.92
C LYS A 117 28.13 6.42 15.40
N LEU A 118 27.32 5.60 14.74
CA LEU A 118 27.18 4.20 15.12
C LEU A 118 27.83 3.28 14.09
N LEU A 119 28.14 3.84 12.93
CA LEU A 119 28.80 3.07 11.89
C LEU A 119 30.32 3.17 12.01
N PRO A 120 31.03 2.18 11.44
CA PRO A 120 32.50 2.10 11.41
C PRO A 120 33.13 3.40 10.92
N TYR A 121 34.14 3.89 11.63
CA TYR A 121 34.83 5.13 11.23
C TYR A 121 35.41 4.98 9.83
N ASP A 122 36.13 3.89 9.58
CA ASP A 122 36.75 3.65 8.29
C ASP A 122 35.87 2.73 7.44
N LYS A 123 34.96 3.34 6.68
CA LYS A 123 33.96 2.61 5.91
C LYS A 123 34.50 2.20 4.54
N ALA A 124 35.79 2.44 4.33
CA ALA A 124 36.42 2.22 3.02
C ALA A 124 36.21 0.81 2.46
N ARG A 125 36.18 -0.17 3.35
CA ARG A 125 36.11 -1.56 2.93
C ARG A 125 34.88 -2.26 3.49
N PHE A 126 33.86 -1.50 3.84
CA PHE A 126 32.58 -2.09 4.20
C PHE A 126 31.64 -1.96 3.03
N ALA A 127 31.14 -3.08 2.54
CA ALA A 127 30.23 -3.03 1.42
C ALA A 127 28.85 -2.61 1.94
N TYR A 128 28.25 -1.59 1.33
CA TYR A 128 26.90 -1.19 1.69
C TYR A 128 25.92 -1.98 0.86
N ILE A 129 25.02 -2.70 1.53
CA ILE A 129 23.99 -3.46 0.83
C ILE A 129 22.63 -2.83 1.09
N GLY A 130 22.14 -2.09 0.09
CA GLY A 130 20.89 -1.38 0.27
C GLY A 130 20.50 -0.60 -0.96
N GLU A 131 19.31 -0.02 -0.87
CA GLU A 131 18.70 0.68 -1.97
C GLU A 131 19.21 2.09 -2.08
N TYR A 132 19.67 2.65 -0.96
CA TYR A 132 19.87 4.09 -0.83
C TYR A 132 21.32 4.52 -1.01
N LEU A 133 21.73 4.61 -2.27
CA LEU A 133 23.10 4.88 -2.63
C LEU A 133 23.57 6.27 -2.21
N GLU A 134 22.69 7.26 -2.36
CA GLU A 134 22.98 8.63 -1.94
C GLU A 134 23.20 8.73 -0.44
N VAL A 135 22.38 8.02 0.34
CA VAL A 135 22.55 8.02 1.78
C VAL A 135 23.85 7.32 2.12
N ALA A 136 24.13 6.24 1.42
CA ALA A 136 25.38 5.51 1.66
C ALA A 136 26.60 6.40 1.35
N GLN A 137 26.56 7.15 0.25
CA GLN A 137 27.72 7.98 -0.11
C GLN A 137 27.89 9.14 0.87
N ALA A 138 26.79 9.73 1.32
CA ALA A 138 26.85 10.80 2.32
C ALA A 138 27.49 10.28 3.60
N LEU A 139 27.18 9.04 3.98
CA LEU A 139 27.73 8.43 5.18
C LEU A 139 29.21 8.10 5.04
N GLY A 140 29.65 7.86 3.81
CA GLY A 140 31.05 7.61 3.53
C GLY A 140 31.33 6.23 2.97
N PHE A 141 30.29 5.54 2.50
CA PHE A 141 30.50 4.24 1.84
C PHE A 141 30.97 4.44 0.41
N GLU A 142 31.76 3.51 -0.10
CA GLU A 142 32.22 3.57 -1.49
C GLU A 142 31.81 2.36 -2.29
N LEU A 143 31.75 1.20 -1.63
CA LEU A 143 31.36 -0.03 -2.30
C LEU A 143 29.88 -0.27 -2.03
N MET A 144 29.10 -0.24 -3.09
CA MET A 144 27.67 -0.39 -2.94
C MET A 144 27.15 -1.52 -3.76
N ASN A 145 26.45 -2.44 -3.11
CA ASN A 145 25.85 -3.57 -3.80
C ASN A 145 26.81 -4.24 -4.78
N PRO A 146 28.06 -4.49 -4.35
CA PRO A 146 29.05 -5.05 -5.28
C PRO A 146 28.56 -6.38 -5.79
N GLU A 147 28.66 -6.60 -7.10
CA GLU A 147 28.08 -7.77 -7.75
C GLU A 147 28.56 -9.10 -7.13
N PRO A 148 29.88 -9.26 -6.93
CA PRO A 148 30.39 -10.52 -6.38
C PRO A 148 29.71 -10.90 -5.07
N VAL A 149 29.48 -9.90 -4.22
CA VAL A 149 28.85 -10.09 -2.92
C VAL A 149 27.35 -10.43 -3.05
N MET A 150 26.65 -9.68 -3.91
CA MET A 150 25.23 -9.91 -4.12
C MET A 150 25.04 -11.32 -4.66
N ASN A 151 25.79 -11.60 -5.73
CA ASN A 151 25.73 -12.89 -6.38
C ASN A 151 25.93 -14.03 -5.41
N PHE A 152 26.90 -13.87 -4.51
CA PHE A 152 27.24 -14.91 -3.55
C PHE A 152 26.09 -15.15 -2.59
N TYR A 153 25.51 -14.07 -2.05
CA TYR A 153 24.42 -14.22 -1.09
C TYR A 153 23.20 -14.80 -1.77
N HIS A 154 22.93 -14.35 -2.99
CA HIS A 154 21.74 -14.79 -3.69
C HIS A 154 21.85 -16.27 -4.03
N TYR A 155 23.03 -16.72 -4.44
CA TYR A 155 23.26 -18.13 -4.67
C TYR A 155 22.93 -18.97 -3.45
N HIS A 156 23.40 -18.56 -2.27
CA HIS A 156 23.18 -19.37 -1.09
C HIS A 156 21.79 -19.14 -0.45
N ARG A 157 21.13 -18.04 -0.80
CA ARG A 157 19.73 -17.85 -0.38
C ARG A 157 18.83 -19.00 -0.91
N ALA A 158 19.31 -19.70 -1.93
CA ALA A 158 18.55 -20.79 -2.52
C ALA A 158 18.55 -22.04 -1.63
N TYR A 159 19.52 -22.16 -0.72
CA TYR A 159 19.50 -23.26 0.24
C TYR A 159 18.92 -22.72 1.54
N LYS A 160 17.70 -23.14 1.84
CA LYS A 160 17.02 -22.67 3.03
C LYS A 160 17.55 -23.36 4.27
N THR A 161 17.84 -22.60 5.31
CA THR A 161 18.18 -23.17 6.62
C THR A 161 16.92 -23.71 7.24
N GLN A 162 17.05 -24.58 8.24
CA GLN A 162 15.88 -25.20 8.85
C GLN A 162 14.95 -24.14 9.44
N TYR A 163 15.54 -23.04 9.91
CA TYR A 163 14.79 -21.91 10.44
C TYR A 163 13.85 -21.37 9.35
N GLU A 164 14.41 -21.10 8.19
CA GLU A 164 13.65 -20.60 7.04
C GLU A 164 12.55 -21.57 6.59
N LEU A 165 12.86 -22.86 6.54
CA LEU A 165 11.85 -23.86 6.19
C LEU A 165 10.65 -23.83 7.15
N ALA A 166 10.93 -23.71 8.45
CA ALA A 166 9.89 -23.59 9.46
C ALA A 166 9.04 -22.35 9.20
N CYS A 167 9.69 -21.23 8.91
CA CYS A 167 8.96 -20.01 8.60
C CYS A 167 8.10 -20.19 7.37
N MET A 168 8.61 -20.97 6.42
CA MET A 168 7.88 -21.13 5.18
C MET A 168 6.72 -22.12 5.30
N ARG A 169 6.86 -23.11 6.17
CA ARG A 169 5.72 -23.96 6.49
C ARG A 169 4.62 -23.13 7.12
N GLU A 170 4.99 -22.19 7.97
CA GLU A 170 3.99 -21.39 8.68
C GLU A 170 3.24 -20.44 7.72
N ALA A 171 3.99 -19.77 6.84
CA ALA A 171 3.37 -18.88 5.86
C ALA A 171 2.41 -19.66 4.99
N ASN A 172 2.78 -20.88 4.63
CA ASN A 172 1.87 -21.72 3.85
C ASN A 172 0.60 -22.03 4.61
N LYS A 173 0.74 -22.39 5.89
CA LYS A 173 -0.41 -22.74 6.70
C LYS A 173 -1.40 -21.58 6.80
N ILE A 174 -0.88 -20.37 6.98
CA ILE A 174 -1.72 -19.19 7.02
C ILE A 174 -2.46 -19.01 5.71
N ALA A 175 -1.73 -19.17 4.61
CA ALA A 175 -2.29 -18.96 3.28
C ALA A 175 -3.38 -19.96 2.98
N VAL A 176 -3.19 -21.18 3.47
CA VAL A 176 -4.15 -22.25 3.21
C VAL A 176 -5.46 -21.99 3.95
N GLN A 177 -5.41 -21.33 5.10
CA GLN A 177 -6.65 -20.94 5.77
C GLN A 177 -7.38 -19.90 4.93
N GLY A 178 -6.64 -19.00 4.30
CA GLY A 178 -7.24 -17.96 3.48
C GLY A 178 -7.88 -18.53 2.24
N HIS A 179 -7.15 -19.45 1.59
CA HIS A 179 -7.60 -20.09 0.36
C HIS A 179 -8.89 -20.86 0.58
N LYS A 180 -9.02 -21.52 1.72
CA LYS A 180 -10.24 -22.23 2.00
C LYS A 180 -11.40 -21.25 2.21
N ALA A 181 -11.17 -20.14 2.91
CA ALA A 181 -12.25 -19.20 3.16
C ALA A 181 -12.72 -18.56 1.86
N ALA A 182 -11.79 -18.36 0.94
CA ALA A 182 -12.10 -17.75 -0.35
C ALA A 182 -12.87 -18.73 -1.22
N ARG A 183 -12.45 -19.98 -1.20
CA ARG A 183 -13.13 -21.03 -1.91
C ARG A 183 -14.62 -21.11 -1.48
N ASP A 184 -14.85 -21.21 -0.18
CA ASP A 184 -16.21 -21.24 0.37
C ASP A 184 -17.01 -19.99 -0.04
N ALA A 185 -16.37 -18.83 -0.02
CA ALA A 185 -17.04 -17.59 -0.37
C ALA A 185 -17.47 -17.58 -1.83
N PHE A 186 -16.65 -18.16 -2.69
CA PHE A 186 -16.97 -18.24 -4.10
C PHE A 186 -18.18 -19.14 -4.36
N PHE A 187 -18.28 -20.25 -3.63
CA PHE A 187 -19.41 -21.15 -3.82
C PHE A 187 -20.71 -20.59 -3.25
N GLN A 188 -20.60 -19.57 -2.40
CA GLN A 188 -21.73 -18.82 -1.91
C GLN A 188 -22.10 -17.70 -2.87
N GLY A 189 -21.34 -17.60 -3.96
CA GLY A 189 -21.61 -16.61 -4.99
C GLY A 189 -21.24 -15.17 -4.64
N LYS A 190 -20.16 -14.97 -3.91
CA LYS A 190 -19.74 -13.60 -3.54
C LYS A 190 -18.95 -12.90 -4.65
N SER A 191 -18.85 -11.58 -4.56
CA SER A 191 -18.06 -10.80 -5.50
C SER A 191 -16.58 -11.05 -5.31
N GLU A 192 -15.76 -10.60 -6.25
CA GLU A 192 -14.32 -10.72 -6.09
C GLU A 192 -13.88 -9.98 -4.83
N PHE A 193 -14.50 -8.84 -4.57
CA PHE A 193 -14.10 -8.00 -3.45
C PHE A 193 -14.42 -8.67 -2.11
N GLU A 194 -15.57 -9.35 -2.05
CA GLU A 194 -15.99 -10.06 -0.84
C GLU A 194 -15.11 -11.29 -0.59
N ILE A 195 -14.78 -12.00 -1.66
CA ILE A 195 -13.85 -13.13 -1.60
C ILE A 195 -12.49 -12.70 -1.04
N GLN A 196 -12.02 -11.52 -1.44
CA GLN A 196 -10.76 -10.98 -0.95
C GLN A 196 -10.85 -10.61 0.53
N GLN A 197 -11.98 -10.06 0.96
CA GLN A 197 -12.15 -9.70 2.37
C GLN A 197 -12.13 -10.94 3.24
N ALA A 198 -12.68 -12.03 2.70
CA ALA A 198 -12.75 -13.26 3.47
C ALA A 198 -11.34 -13.79 3.56
N TYR A 199 -10.60 -13.69 2.46
CA TYR A 199 -9.23 -14.18 2.43
C TYR A 199 -8.37 -13.45 3.46
N LEU A 200 -8.51 -12.13 3.51
CA LEU A 200 -7.73 -11.32 4.44
C LEU A 200 -8.11 -11.64 5.89
N LEU A 201 -9.40 -11.87 6.13
CA LEU A 201 -9.90 -12.12 7.48
C LEU A 201 -9.38 -13.45 8.01
N ALA A 202 -9.41 -14.50 7.19
CA ALA A 202 -8.96 -15.81 7.65
C ALA A 202 -7.43 -15.85 7.85
N THR A 203 -6.69 -15.12 7.00
CA THR A 203 -5.24 -15.03 7.15
C THR A 203 -4.79 -13.97 8.18
N GLN A 204 -5.72 -13.15 8.64
CA GLN A 204 -5.40 -12.05 9.57
C GLN A 204 -4.35 -11.11 8.96
N HIS A 205 -4.40 -10.98 7.64
CA HIS A 205 -3.53 -10.08 6.90
C HIS A 205 -4.23 -8.81 6.48
N SER A 206 -3.59 -7.66 6.70
CA SER A 206 -3.98 -6.44 5.99
C SER A 206 -3.43 -6.55 4.57
N GLU A 207 -3.95 -5.74 3.66
CA GLU A 207 -3.61 -5.87 2.26
C GLU A 207 -2.09 -5.75 2.05
N ASN A 208 -1.47 -4.80 2.74
CA ASN A 208 -0.03 -4.63 2.61
C ASN A 208 0.79 -5.67 3.38
N ASP A 209 0.12 -6.66 3.96
CA ASP A 209 0.78 -7.80 4.57
C ASP A 209 1.04 -8.93 3.58
N THR A 210 0.19 -9.06 2.57
CA THR A 210 0.36 -10.11 1.56
C THR A 210 1.69 -9.85 0.82
N PRO A 211 2.44 -10.92 0.51
CA PRO A 211 3.76 -10.82 -0.12
C PRO A 211 3.66 -10.33 -1.55
N PHE A 212 2.53 -10.57 -2.20
CA PHE A 212 2.21 -9.94 -3.50
C PHE A 212 0.71 -9.54 -3.54
N GLY A 213 0.32 -8.77 -4.54
CA GLY A 213 -1.08 -8.42 -4.71
C GLY A 213 -1.88 -9.64 -5.10
N ASN A 214 -2.80 -10.04 -4.23
CA ASN A 214 -3.65 -11.19 -4.51
C ASN A 214 -4.35 -11.07 -5.84
N ILE A 215 -4.43 -12.21 -6.53
CA ILE A 215 -5.21 -12.35 -7.73
C ILE A 215 -6.48 -13.09 -7.38
N VAL A 216 -7.63 -12.41 -7.46
CA VAL A 216 -8.91 -13.03 -7.12
C VAL A 216 -9.86 -12.82 -8.28
N ALA A 217 -10.04 -13.86 -9.10
CA ALA A 217 -10.68 -13.71 -10.39
C ALA A 217 -11.90 -14.62 -10.56
N LEU A 218 -12.92 -14.09 -11.21
CA LEU A 218 -14.12 -14.85 -11.51
C LEU A 218 -14.31 -14.86 -13.02
N ASN A 219 -14.69 -16.02 -13.56
CA ASN A 219 -15.06 -16.15 -14.98
C ASN A 219 -14.00 -15.74 -16.00
N GLU A 220 -14.35 -14.80 -16.87
CA GLU A 220 -13.44 -14.34 -17.91
C GLU A 220 -12.16 -13.75 -17.32
N ASN A 221 -12.23 -13.19 -16.12
CA ASN A 221 -11.03 -12.63 -15.49
C ASN A 221 -9.94 -13.66 -15.19
N CYS A 222 -10.30 -14.94 -15.17
CA CYS A 222 -9.29 -15.97 -14.92
C CYS A 222 -8.24 -16.02 -16.03
N ALA A 223 -8.55 -15.49 -17.21
CA ALA A 223 -7.58 -15.49 -18.31
C ALA A 223 -6.59 -14.31 -18.22
N ILE A 224 -6.92 -13.31 -17.42
CA ILE A 224 -6.03 -12.16 -17.21
C ILE A 224 -4.91 -12.52 -16.25
N LEU A 225 -3.74 -12.79 -16.79
CA LEU A 225 -2.66 -13.34 -15.99
C LEU A 225 -2.24 -12.43 -14.84
N HIS A 226 -2.17 -11.12 -15.10
CA HIS A 226 -1.79 -10.17 -14.06
C HIS A 226 -2.96 -9.41 -13.49
N TYR A 227 -4.13 -10.02 -13.44
CA TYR A 227 -5.31 -9.38 -12.92
C TYR A 227 -5.07 -8.87 -11.49
N THR A 228 -5.41 -7.61 -11.22
CA THR A 228 -5.20 -7.01 -9.88
C THR A 228 -6.46 -6.43 -9.19
N HIS A 229 -7.45 -6.04 -9.98
N HIS A 229 -7.45 -6.06 -9.98
CA HIS A 229 -8.68 -5.42 -9.46
CA HIS A 229 -8.67 -5.44 -9.44
C HIS A 229 -9.56 -6.41 -8.67
C HIS A 229 -9.55 -6.41 -8.65
N PHE A 230 -10.56 -5.86 -8.00
CA PHE A 230 -11.60 -6.66 -7.33
C PHE A 230 -12.97 -6.08 -7.69
N ASP A 231 -13.75 -6.80 -8.47
CA ASP A 231 -15.11 -6.37 -8.75
C ASP A 231 -15.94 -6.31 -7.45
N ARG A 232 -16.54 -5.14 -7.20
CA ARG A 232 -17.43 -4.95 -6.05
C ARG A 232 -18.79 -5.57 -6.29
N VAL A 233 -19.07 -5.86 -7.55
CA VAL A 233 -20.35 -6.42 -7.97
C VAL A 233 -20.19 -7.87 -8.42
N ALA A 234 -20.98 -8.78 -7.86
CA ALA A 234 -20.90 -10.17 -8.28
C ALA A 234 -21.50 -10.36 -9.68
N PRO A 235 -20.97 -11.34 -10.43
CA PRO A 235 -21.42 -11.68 -11.79
C PRO A 235 -22.82 -12.29 -11.81
N ALA A 236 -23.62 -11.98 -12.83
CA ALA A 236 -24.96 -12.55 -12.99
C ALA A 236 -24.96 -14.06 -12.76
N THR A 237 -24.01 -14.76 -13.38
CA THR A 237 -23.84 -16.20 -13.18
C THR A 237 -22.43 -16.50 -12.71
N HIS A 238 -22.28 -17.55 -11.90
CA HIS A 238 -20.95 -17.98 -11.51
C HIS A 238 -20.47 -19.19 -12.30
N ARG A 239 -19.26 -19.08 -12.84
CA ARG A 239 -18.74 -20.16 -13.67
C ARG A 239 -17.41 -20.69 -13.18
N SER A 240 -16.46 -19.79 -12.97
CA SER A 240 -15.10 -20.21 -12.66
C SER A 240 -14.42 -19.21 -11.73
N PHE A 241 -13.42 -19.70 -11.03
CA PHE A 241 -12.79 -18.93 -9.96
C PHE A 241 -11.33 -19.31 -9.90
N LEU A 242 -10.47 -18.31 -9.89
CA LEU A 242 -9.04 -18.56 -9.84
C LEU A 242 -8.42 -17.64 -8.79
N ILE A 243 -7.89 -18.23 -7.75
CA ILE A 243 -7.29 -17.41 -6.73
C ILE A 243 -5.82 -17.76 -6.58
N ASP A 244 -5.01 -16.73 -6.82
CA ASP A 244 -3.59 -16.77 -6.57
C ASP A 244 -3.29 -15.81 -5.44
N ALA A 245 -3.00 -16.38 -4.27
CA ALA A 245 -2.77 -15.61 -3.05
C ALA A 245 -1.81 -16.35 -2.12
N GLY A 246 -1.10 -15.60 -1.29
CA GLY A 246 -0.14 -16.20 -0.37
C GLY A 246 -0.24 -15.54 0.98
N ALA A 247 0.89 -15.45 1.68
CA ALA A 247 0.92 -14.87 3.01
C ALA A 247 2.35 -14.76 3.49
N ASN A 248 2.54 -13.97 4.54
CA ASN A 248 3.84 -13.74 5.11
C ASN A 248 3.96 -14.30 6.52
N PHE A 249 5.10 -14.93 6.81
CA PHE A 249 5.51 -15.18 8.19
C PHE A 249 7.00 -14.90 8.38
N ASN A 250 7.31 -13.84 9.13
CA ASN A 250 8.68 -13.43 9.40
C ASN A 250 9.48 -13.05 8.14
N GLY A 251 8.78 -12.60 7.10
CA GLY A 251 9.45 -12.16 5.88
C GLY A 251 9.47 -13.21 4.78
N TYR A 252 9.01 -14.41 5.11
CA TYR A 252 8.97 -15.52 4.16
C TYR A 252 7.58 -15.68 3.55
N ALA A 253 7.54 -16.02 2.28
CA ALA A 253 6.31 -15.93 1.51
C ALA A 253 5.73 -17.31 1.20
N ALA A 254 4.41 -17.34 1.02
CA ALA A 254 3.70 -18.45 0.40
C ALA A 254 3.09 -17.94 -0.92
N ASP A 255 2.88 -18.82 -1.89
CA ASP A 255 2.40 -18.41 -3.21
C ASP A 255 1.59 -19.54 -3.81
N ILE A 256 0.27 -19.45 -3.68
CA ILE A 256 -0.60 -20.58 -3.98
C ILE A 256 -1.73 -20.18 -4.92
N THR A 257 -1.99 -21.03 -5.92
CA THR A 257 -3.10 -20.82 -6.85
C THR A 257 -4.01 -22.02 -6.90
N ARG A 258 -5.31 -21.78 -6.80
CA ARG A 258 -6.31 -22.81 -7.02
C ARG A 258 -7.33 -22.32 -8.03
N THR A 259 -7.83 -23.21 -8.89
CA THR A 259 -8.92 -22.87 -9.79
C THR A 259 -10.12 -23.80 -9.55
N TYR A 260 -11.32 -23.24 -9.64
CA TYR A 260 -12.52 -23.98 -9.26
C TYR A 260 -13.58 -23.79 -10.30
N ASP A 261 -14.32 -24.87 -10.56
CA ASP A 261 -15.53 -24.81 -11.37
C ASP A 261 -16.70 -24.65 -10.42
N PHE A 262 -17.61 -23.75 -10.72
CA PHE A 262 -18.74 -23.50 -9.81
C PHE A 262 -19.66 -24.71 -9.66
N THR A 263 -19.84 -25.48 -10.72
CA THR A 263 -20.86 -26.55 -10.68
C THR A 263 -20.31 -27.92 -10.31
N GLY A 264 -19.02 -28.13 -10.56
CA GLY A 264 -18.40 -29.42 -10.35
C GLY A 264 -18.75 -30.42 -11.42
N GLU A 265 -19.46 -29.98 -12.46
CA GLU A 265 -19.79 -30.82 -13.61
C GLU A 265 -19.51 -30.05 -14.90
N GLY A 266 -19.43 -30.76 -16.02
CA GLY A 266 -19.20 -30.11 -17.29
C GLY A 266 -17.76 -30.24 -17.77
N GLU A 267 -17.49 -29.70 -18.95
CA GLU A 267 -16.19 -29.88 -19.60
C GLU A 267 -15.11 -29.08 -18.87
N PHE A 268 -15.44 -27.90 -18.37
CA PHE A 268 -14.47 -27.09 -17.65
C PHE A 268 -14.06 -27.75 -16.33
N ALA A 269 -15.01 -28.39 -15.63
CA ALA A 269 -14.68 -29.06 -14.38
C ALA A 269 -13.73 -30.23 -14.66
N GLU A 270 -13.96 -30.91 -15.79
CA GLU A 270 -13.10 -32.02 -16.21
C GLU A 270 -11.71 -31.52 -16.59
N LEU A 271 -11.69 -30.39 -17.29
CA LEU A 271 -10.45 -29.72 -17.62
C LEU A 271 -9.62 -29.39 -16.37
N VAL A 272 -10.28 -28.80 -15.37
CA VAL A 272 -9.63 -28.46 -14.10
C VAL A 272 -9.00 -29.67 -13.41
N ALA A 273 -9.74 -30.78 -13.32
CA ALA A 273 -9.24 -31.94 -12.61
C ALA A 273 -8.08 -32.62 -13.37
N THR A 274 -8.15 -32.57 -14.69
CA THR A 274 -7.07 -33.04 -15.55
C THR A 274 -5.82 -32.20 -15.35
N MET A 275 -5.98 -30.88 -15.29
CA MET A 275 -4.83 -30.01 -15.00
C MET A 275 -4.27 -30.32 -13.60
N LYS A 276 -5.15 -30.65 -12.66
CA LYS A 276 -4.70 -30.97 -11.32
C LYS A 276 -3.86 -32.26 -11.25
N GLN A 277 -4.21 -33.27 -12.03
CA GLN A 277 -3.42 -34.51 -12.02
C GLN A 277 -2.02 -34.26 -12.60
N HIS A 278 -1.98 -33.47 -13.67
CA HIS A 278 -0.73 -33.08 -14.31
C HIS A 278 0.16 -32.30 -13.33
N GLN A 279 -0.46 -31.37 -12.60
CA GLN A 279 0.27 -30.50 -11.70
C GLN A 279 0.85 -31.31 -10.53
N ILE A 280 0.08 -32.25 -10.00
CA ILE A 280 0.59 -33.21 -9.02
C ILE A 280 1.70 -34.12 -9.57
N ALA A 281 1.50 -34.64 -10.79
CA ALA A 281 2.54 -35.41 -11.47
C ALA A 281 3.82 -34.57 -11.55
N LEU A 282 3.67 -33.30 -11.93
CA LEU A 282 4.80 -32.40 -12.13
C LEU A 282 5.57 -32.15 -10.84
N CYS A 283 4.82 -31.83 -9.79
CA CYS A 283 5.38 -31.68 -8.46
C CYS A 283 6.27 -32.84 -8.09
N ASN A 284 5.77 -34.04 -8.34
CA ASN A 284 6.44 -35.23 -7.86
C ASN A 284 7.67 -35.55 -8.68
N GLN A 285 7.94 -34.76 -9.72
CA GLN A 285 9.17 -34.94 -10.48
C GLN A 285 10.32 -34.07 -9.98
N LEU A 286 10.09 -33.30 -8.92
CA LEU A 286 11.17 -32.57 -8.27
C LEU A 286 12.09 -33.61 -7.62
N ALA A 287 13.39 -33.43 -7.82
CA ALA A 287 14.36 -34.36 -7.28
C ALA A 287 15.74 -33.76 -7.43
N PRO A 288 16.62 -33.99 -6.46
CA PRO A 288 18.02 -33.55 -6.59
C PRO A 288 18.63 -33.99 -7.91
N GLY A 289 19.53 -33.16 -8.44
CA GLY A 289 20.27 -33.52 -9.63
C GLY A 289 19.40 -33.52 -10.88
N LYS A 290 18.35 -32.71 -10.88
CA LYS A 290 17.46 -32.61 -12.03
C LYS A 290 17.31 -31.14 -12.47
N LEU A 291 17.62 -30.84 -13.74
CA LEU A 291 17.50 -29.46 -14.21
C LEU A 291 16.04 -29.06 -14.23
N TYR A 292 15.74 -27.91 -13.63
CA TYR A 292 14.36 -27.48 -13.51
C TYR A 292 13.73 -27.33 -14.88
N GLY A 293 14.55 -26.95 -15.86
CA GLY A 293 14.08 -26.78 -17.23
C GLY A 293 13.45 -28.03 -17.80
N GLU A 294 13.86 -29.20 -17.32
CA GLU A 294 13.32 -30.46 -17.81
C GLU A 294 11.85 -30.58 -17.44
N LEU A 295 11.51 -30.19 -16.23
CA LEU A 295 10.12 -30.17 -15.79
C LEU A 295 9.28 -29.18 -16.61
N HIS A 296 9.89 -28.07 -17.02
CA HIS A 296 9.14 -27.08 -17.80
C HIS A 296 8.81 -27.63 -19.19
N LEU A 297 9.66 -28.52 -19.68
CA LEU A 297 9.42 -29.19 -20.94
C LEU A 297 8.31 -30.23 -20.80
N ASP A 298 8.32 -30.97 -19.69
CA ASP A 298 7.29 -31.96 -19.45
C ASP A 298 5.93 -31.31 -19.32
N CYS A 299 5.90 -30.10 -18.75
CA CYS A 299 4.66 -29.37 -18.55
C CYS A 299 4.03 -28.94 -19.88
N HIS A 300 4.86 -28.55 -20.84
CA HIS A 300 4.35 -28.22 -22.16
C HIS A 300 3.79 -29.48 -22.83
N GLN A 301 4.44 -30.61 -22.60
CA GLN A 301 3.95 -31.89 -23.10
C GLN A 301 2.61 -32.29 -22.49
N ARG A 302 2.46 -32.15 -21.17
CA ARG A 302 1.22 -32.52 -20.51
C ARG A 302 0.11 -31.56 -20.88
N VAL A 303 0.51 -30.33 -21.19
CA VAL A 303 -0.45 -29.32 -21.65
C VAL A 303 -0.87 -29.60 -23.08
N ALA A 304 0.08 -30.10 -23.88
CA ALA A 304 -0.21 -30.54 -25.24
C ALA A 304 -1.20 -31.69 -25.20
N GLN A 305 -0.92 -32.67 -24.34
CA GLN A 305 -1.81 -33.82 -24.21
C GLN A 305 -3.21 -33.41 -23.75
N THR A 306 -3.32 -32.40 -22.90
CA THR A 306 -4.62 -31.96 -22.45
C THR A 306 -5.40 -31.33 -23.59
N LEU A 307 -4.74 -30.47 -24.36
CA LEU A 307 -5.41 -29.82 -25.49
C LEU A 307 -5.88 -30.85 -26.52
N SER A 308 -5.10 -31.91 -26.71
CA SER A 308 -5.47 -32.96 -27.66
C SER A 308 -6.65 -33.78 -27.13
N ASP A 309 -6.54 -34.19 -25.88
CA ASP A 309 -7.55 -35.04 -25.28
C ASP A 309 -8.87 -34.31 -25.23
N PHE A 310 -8.84 -33.01 -25.01
CA PHE A 310 -10.09 -32.26 -24.89
C PHE A 310 -10.56 -31.73 -26.23
N ASN A 311 -9.88 -32.12 -27.30
CA ASN A 311 -10.25 -31.73 -28.66
C ASN A 311 -10.38 -30.22 -28.82
N ILE A 312 -9.54 -29.52 -28.08
CA ILE A 312 -9.32 -28.09 -28.24
C ILE A 312 -8.45 -27.86 -29.47
N VAL A 313 -7.52 -28.79 -29.70
CA VAL A 313 -6.65 -28.77 -30.87
C VAL A 313 -6.74 -30.13 -31.55
N ASN A 314 -6.86 -30.15 -32.87
CA ASN A 314 -7.04 -31.41 -33.58
C ASN A 314 -5.70 -32.02 -34.05
N LEU A 315 -4.84 -32.31 -33.08
CA LEU A 315 -3.53 -32.88 -33.32
C LEU A 315 -3.15 -33.85 -32.19
N SER A 316 -2.15 -34.69 -32.42
CA SER A 316 -1.56 -35.44 -31.31
C SER A 316 -0.78 -34.52 -30.38
N ALA A 317 -0.50 -34.97 -29.16
CA ALA A 317 0.23 -34.17 -28.19
C ALA A 317 1.61 -33.74 -28.71
N ASP A 318 2.36 -34.66 -29.30
CA ASP A 318 3.69 -34.34 -29.80
C ASP A 318 3.64 -33.32 -30.95
N GLU A 319 2.66 -33.46 -31.83
CA GLU A 319 2.49 -32.52 -32.93
C GLU A 319 2.13 -31.11 -32.44
N ILE A 320 1.33 -31.03 -31.39
CA ILE A 320 1.03 -29.74 -30.79
C ILE A 320 2.28 -29.07 -30.25
N VAL A 321 3.13 -29.86 -29.61
CA VAL A 321 4.38 -29.34 -29.11
C VAL A 321 5.28 -28.92 -30.28
N ALA A 322 5.41 -29.81 -31.27
CA ALA A 322 6.29 -29.55 -32.41
C ALA A 322 5.92 -28.28 -33.17
N LYS A 323 4.62 -28.03 -33.32
CA LYS A 323 4.18 -26.87 -34.10
C LYS A 323 4.18 -25.60 -33.28
N GLY A 324 4.55 -25.70 -32.02
CA GLY A 324 4.66 -24.52 -31.18
C GLY A 324 3.31 -23.95 -30.76
N ILE A 325 2.32 -24.82 -30.65
CA ILE A 325 0.96 -24.39 -30.37
C ILE A 325 0.67 -24.23 -28.87
N THR A 326 1.41 -24.93 -28.02
CA THR A 326 1.13 -24.95 -26.59
C THR A 326 1.43 -23.64 -25.88
N SER A 327 2.29 -22.82 -26.49
CA SER A 327 2.64 -21.53 -25.87
C SER A 327 1.46 -20.56 -25.87
N THR A 328 0.51 -20.79 -26.77
CA THR A 328 -0.71 -19.97 -26.80
C THR A 328 -1.58 -20.16 -25.55
N PHE A 329 -1.58 -21.38 -25.01
CA PHE A 329 -2.46 -21.72 -23.88
C PHE A 329 -1.74 -21.69 -22.53
N PHE A 330 -0.43 -21.95 -22.56
CA PHE A 330 0.43 -21.92 -21.38
C PHE A 330 1.63 -21.03 -21.68
N PRO A 331 1.47 -19.73 -21.40
CA PRO A 331 2.44 -18.76 -21.94
C PRO A 331 3.51 -18.31 -20.96
N HIS A 332 3.51 -18.84 -19.74
CA HIS A 332 4.49 -18.43 -18.73
C HIS A 332 5.35 -19.62 -18.28
N GLY A 333 6.24 -19.38 -17.31
CA GLY A 333 7.10 -20.43 -16.79
C GLY A 333 6.36 -21.38 -15.87
N LEU A 334 6.94 -22.56 -15.66
CA LEU A 334 6.33 -23.57 -14.79
C LEU A 334 6.45 -23.23 -13.31
N GLY A 335 7.47 -22.47 -12.95
CA GLY A 335 7.66 -22.18 -11.55
C GLY A 335 8.90 -21.42 -11.18
N HIS A 336 9.21 -21.42 -9.90
CA HIS A 336 10.30 -20.59 -9.43
C HIS A 336 10.64 -20.90 -7.99
N HIS A 337 11.87 -20.60 -7.64
CA HIS A 337 12.26 -20.56 -6.25
C HIS A 337 11.39 -19.56 -5.46
N ILE A 338 11.16 -19.90 -4.20
CA ILE A 338 10.44 -19.01 -3.31
C ILE A 338 11.13 -19.00 -1.91
N GLY A 339 11.01 -17.88 -1.20
CA GLY A 339 11.60 -17.72 0.12
C GLY A 339 11.31 -16.32 0.64
N LEU A 340 12.37 -15.54 0.85
CA LEU A 340 12.23 -14.17 1.32
C LEU A 340 11.57 -13.29 0.27
N GLN A 341 11.84 -13.57 -0.99
CA GLN A 341 11.15 -12.88 -2.06
C GLN A 341 10.24 -13.90 -2.71
N VAL A 342 9.14 -13.47 -3.30
CA VAL A 342 8.21 -14.45 -3.84
C VAL A 342 8.85 -15.10 -5.05
N HIS A 343 9.40 -14.28 -5.95
CA HIS A 343 10.27 -14.78 -7.02
C HIS A 343 11.69 -14.72 -6.52
N ASP A 344 12.10 -15.76 -5.80
CA ASP A 344 13.34 -15.68 -5.03
C ASP A 344 14.58 -15.69 -5.92
N VAL A 345 15.66 -15.14 -5.38
CA VAL A 345 16.91 -14.95 -6.10
C VAL A 345 17.67 -16.26 -6.30
N GLY A 346 18.65 -16.25 -7.20
CA GLY A 346 19.49 -17.42 -7.42
C GLY A 346 19.01 -18.42 -8.46
N GLY A 347 17.74 -18.29 -8.85
CA GLY A 347 17.10 -19.22 -9.77
C GLY A 347 17.71 -19.36 -11.15
N PHE A 348 18.68 -18.50 -11.48
CA PHE A 348 19.39 -18.58 -12.74
C PHE A 348 20.86 -18.95 -12.58
N MET A 349 21.36 -18.91 -11.35
CA MET A 349 22.79 -19.07 -11.11
C MET A 349 23.26 -20.52 -11.16
N ALA A 350 24.37 -20.76 -11.85
CA ALA A 350 25.01 -22.08 -11.87
C ALA A 350 26.09 -22.18 -10.78
N ASP A 351 26.67 -21.03 -10.42
CA ASP A 351 27.71 -20.98 -9.40
C ASP A 351 27.60 -19.70 -8.59
N GLU A 352 28.38 -19.61 -7.51
CA GLU A 352 28.40 -18.42 -6.64
C GLU A 352 28.79 -17.15 -7.40
N GLN A 353 29.54 -17.31 -8.49
CA GLN A 353 29.99 -16.20 -9.33
C GLN A 353 28.85 -15.60 -10.14
N GLY A 354 27.77 -16.35 -10.29
CA GLY A 354 26.58 -15.88 -10.97
C GLY A 354 26.61 -15.94 -12.48
N ALA A 355 27.10 -17.07 -13.02
CA ALA A 355 27.03 -17.32 -14.45
C ALA A 355 25.71 -17.98 -14.80
N PHE A 365 8.93 -15.54 -19.51
CA PHE A 365 9.73 -16.73 -19.79
C PHE A 365 10.06 -17.50 -18.51
N LEU A 366 10.88 -18.55 -18.66
CA LEU A 366 11.24 -19.44 -17.54
C LEU A 366 12.07 -18.72 -16.46
N ARG A 367 11.64 -18.86 -15.21
CA ARG A 367 12.35 -18.20 -14.12
C ARG A 367 13.47 -19.07 -13.53
N CYS A 368 13.29 -20.38 -13.53
CA CYS A 368 14.28 -21.27 -12.93
C CYS A 368 14.89 -22.28 -13.92
N THR A 369 16.20 -22.20 -14.10
CA THR A 369 16.94 -23.15 -14.93
C THR A 369 17.93 -23.95 -14.07
N ARG A 370 18.17 -23.44 -12.88
CA ARG A 370 19.17 -23.99 -11.96
C ARG A 370 18.93 -25.45 -11.61
N LYS A 371 19.99 -26.14 -11.24
CA LYS A 371 19.89 -27.53 -10.82
C LYS A 371 19.22 -27.60 -9.46
N ILE A 372 18.21 -28.46 -9.37
CA ILE A 372 17.49 -28.74 -8.13
C ILE A 372 18.38 -29.45 -7.12
N GLU A 373 18.23 -29.06 -5.85
CA GLU A 373 18.98 -29.68 -4.76
C GLU A 373 18.18 -29.72 -3.47
N ALA A 374 18.67 -30.50 -2.52
CA ALA A 374 18.07 -30.56 -1.21
C ALA A 374 17.99 -29.16 -0.60
N ASN A 375 16.93 -28.92 0.18
CA ASN A 375 16.74 -27.67 0.92
C ASN A 375 16.41 -26.48 0.07
N GLN A 376 16.02 -26.73 -1.17
CA GLN A 376 15.50 -25.65 -2.03
C GLN A 376 13.97 -25.73 -2.02
N VAL A 377 13.29 -24.61 -2.24
CA VAL A 377 11.83 -24.55 -2.17
C VAL A 377 11.27 -24.00 -3.48
N PHE A 378 10.22 -24.62 -3.99
CA PHE A 378 9.76 -24.31 -5.34
C PHE A 378 8.27 -24.09 -5.44
N THR A 379 7.86 -23.37 -6.48
CA THR A 379 6.47 -23.45 -6.89
C THR A 379 6.39 -24.28 -8.16
N ILE A 380 5.26 -24.97 -8.33
CA ILE A 380 4.98 -25.72 -9.53
C ILE A 380 3.59 -25.26 -9.96
N GLU A 381 3.50 -24.53 -11.06
CA GLU A 381 2.23 -23.86 -11.38
C GLU A 381 1.89 -23.91 -12.86
N PRO A 382 1.58 -25.10 -13.36
CA PRO A 382 1.09 -25.21 -14.73
C PRO A 382 -0.24 -24.48 -14.87
N GLY A 383 -0.47 -23.90 -16.03
CA GLY A 383 -1.71 -23.23 -16.29
C GLY A 383 -2.23 -23.57 -17.67
N LEU A 384 -3.47 -23.20 -17.93
CA LEU A 384 -4.03 -23.35 -19.25
C LEU A 384 -5.09 -22.28 -19.43
N TYR A 385 -4.83 -21.34 -20.33
CA TYR A 385 -5.70 -20.16 -20.41
C TYR A 385 -6.24 -19.96 -21.81
N PHE A 386 -7.33 -19.20 -21.89
CA PHE A 386 -7.87 -18.83 -23.19
C PHE A 386 -7.82 -17.32 -23.31
N ILE A 387 -6.67 -16.84 -23.77
CA ILE A 387 -6.37 -15.42 -23.76
C ILE A 387 -6.61 -14.80 -25.13
N ASP A 388 -7.42 -13.75 -25.14
CA ASP A 388 -7.82 -13.03 -26.36
C ASP A 388 -6.73 -12.77 -27.38
N SER A 389 -5.65 -12.12 -26.96
CA SER A 389 -4.64 -11.70 -27.91
C SER A 389 -3.82 -12.89 -28.41
N LEU A 390 -3.57 -13.87 -27.54
CA LEU A 390 -2.76 -15.02 -27.93
C LEU A 390 -3.52 -15.91 -28.93
N LEU A 391 -4.82 -16.06 -28.70
CA LEU A 391 -5.67 -16.80 -29.61
C LEU A 391 -5.76 -16.11 -30.99
N GLY A 392 -5.68 -14.78 -30.98
CA GLY A 392 -5.76 -14.02 -32.21
C GLY A 392 -4.49 -14.18 -33.03
N ASP A 393 -3.38 -14.35 -32.33
CA ASP A 393 -2.10 -14.53 -33.00
C ASP A 393 -2.06 -15.87 -33.71
N LEU A 394 -2.47 -16.92 -33.00
CA LEU A 394 -2.52 -18.26 -33.54
C LEU A 394 -3.40 -18.38 -34.79
N ALA A 395 -4.56 -17.75 -34.75
CA ALA A 395 -5.50 -17.70 -35.87
C ALA A 395 -4.87 -17.13 -37.14
N ALA A 396 -3.81 -16.33 -36.98
CA ALA A 396 -3.13 -15.69 -38.11
C ALA A 396 -2.05 -16.57 -38.71
N THR A 397 -1.61 -17.58 -37.96
CA THR A 397 -0.57 -18.49 -38.41
C THR A 397 -1.12 -19.66 -39.20
N ASP A 398 -0.24 -20.47 -39.77
CA ASP A 398 -0.65 -21.67 -40.51
C ASP A 398 -1.29 -22.70 -39.59
N ASN A 399 -1.25 -22.43 -38.28
CA ASN A 399 -1.81 -23.32 -37.30
C ASN A 399 -3.31 -23.12 -37.09
N ASN A 400 -3.89 -22.23 -37.89
CA ASN A 400 -5.33 -21.97 -37.89
C ASN A 400 -6.16 -23.23 -38.10
N GLN A 401 -5.83 -23.97 -39.15
CA GLN A 401 -6.53 -25.20 -39.54
C GLN A 401 -6.69 -26.21 -38.40
N HIS A 402 -5.74 -26.21 -37.48
CA HIS A 402 -5.66 -27.24 -36.46
C HIS A 402 -6.49 -26.95 -35.21
N ILE A 403 -6.85 -25.69 -35.00
CA ILE A 403 -7.56 -25.30 -33.79
C ILE A 403 -9.06 -25.57 -33.87
N ASN A 404 -9.62 -26.13 -32.80
CA ASN A 404 -11.07 -26.29 -32.69
C ASN A 404 -11.70 -25.01 -32.15
N TRP A 405 -11.91 -24.04 -33.02
CA TRP A 405 -12.43 -22.73 -32.63
C TRP A 405 -13.80 -22.79 -31.93
N ASP A 406 -14.68 -23.68 -32.37
CA ASP A 406 -15.94 -23.88 -31.68
C ASP A 406 -15.73 -24.23 -30.20
N LYS A 407 -14.69 -25.01 -29.90
CA LYS A 407 -14.44 -25.46 -28.53
C LYS A 407 -13.68 -24.42 -27.72
N VAL A 408 -12.93 -23.56 -28.39
CA VAL A 408 -12.30 -22.43 -27.70
C VAL A 408 -13.39 -21.46 -27.23
N ALA A 409 -14.39 -21.22 -28.09
CA ALA A 409 -15.53 -20.36 -27.76
C ALA A 409 -16.29 -20.88 -26.55
N GLU A 410 -16.37 -22.20 -26.43
CA GLU A 410 -17.12 -22.83 -25.34
C GLU A 410 -16.45 -22.61 -23.97
N LEU A 411 -15.12 -22.67 -23.93
CA LEU A 411 -14.36 -22.64 -22.67
C LEU A 411 -13.91 -21.23 -22.31
N LYS A 412 -13.80 -20.38 -23.34
CA LYS A 412 -13.48 -18.95 -23.20
C LYS A 412 -14.15 -18.24 -22.02
N PRO A 413 -15.48 -18.41 -21.83
CA PRO A 413 -16.18 -17.72 -20.73
C PRO A 413 -15.69 -18.14 -19.35
N PHE A 414 -14.94 -19.23 -19.26
CA PHE A 414 -14.41 -19.71 -17.97
C PHE A 414 -13.02 -19.18 -17.68
N GLY A 415 -12.43 -18.46 -18.65
CA GLY A 415 -11.15 -17.80 -18.46
C GLY A 415 -9.88 -18.63 -18.62
N GLY A 416 -9.52 -19.34 -17.56
CA GLY A 416 -8.36 -20.20 -17.59
C GLY A 416 -8.11 -20.93 -16.29
N ILE A 417 -6.99 -21.62 -16.23
CA ILE A 417 -6.69 -22.46 -15.09
C ILE A 417 -5.25 -22.37 -14.66
N ARG A 418 -5.03 -22.27 -13.35
CA ARG A 418 -3.70 -22.44 -12.82
C ARG A 418 -3.79 -23.17 -11.49
N ILE A 419 -2.92 -24.14 -11.30
CA ILE A 419 -2.86 -24.84 -10.02
C ILE A 419 -1.40 -24.78 -9.56
N GLU A 420 -1.19 -24.16 -8.39
CA GLU A 420 0.15 -23.84 -7.91
C GLU A 420 0.38 -24.25 -6.45
N ASP A 421 1.41 -25.07 -6.24
CA ASP A 421 1.81 -25.50 -4.90
C ASP A 421 3.23 -25.03 -4.57
N ASN A 422 3.55 -25.03 -3.27
CA ASN A 422 4.89 -24.81 -2.78
C ASN A 422 5.46 -26.10 -2.22
N ILE A 423 6.61 -26.48 -2.73
CA ILE A 423 7.22 -27.78 -2.44
C ILE A 423 8.64 -27.61 -1.93
N ILE A 424 8.95 -28.22 -0.78
CA ILE A 424 10.32 -28.25 -0.32
C ILE A 424 10.96 -29.53 -0.82
N VAL A 425 12.17 -29.45 -1.37
CA VAL A 425 12.85 -30.66 -1.78
C VAL A 425 13.76 -31.16 -0.67
N HIS A 426 13.66 -32.44 -0.37
CA HIS A 426 14.59 -33.07 0.56
C HIS A 426 15.40 -34.08 -0.24
N GLU A 427 16.44 -34.66 0.38
CA GLU A 427 17.30 -35.60 -0.34
C GLU A 427 16.57 -36.86 -0.82
N ASP A 428 15.74 -37.41 0.05
CA ASP A 428 15.07 -38.66 -0.25
C ASP A 428 13.56 -38.53 -0.25
N SER A 429 13.06 -37.29 -0.18
CA SER A 429 11.63 -37.03 -0.15
C SER A 429 11.27 -35.64 -0.67
N LEU A 430 9.99 -35.44 -0.95
CA LEU A 430 9.44 -34.11 -1.22
C LEU A 430 8.38 -33.75 -0.19
N GLU A 431 8.37 -32.48 0.18
CA GLU A 431 7.35 -31.96 1.08
C GLU A 431 6.50 -30.93 0.33
N ASN A 432 5.39 -31.38 -0.23
CA ASN A 432 4.43 -30.45 -0.81
C ASN A 432 3.68 -29.84 0.34
N MET A 433 4.14 -28.66 0.76
CA MET A 433 3.56 -27.99 1.92
C MET A 433 2.06 -27.76 1.77
N THR A 434 1.66 -27.36 0.56
CA THR A 434 0.31 -26.89 0.34
C THR A 434 -0.66 -28.07 0.37
N ARG A 435 -0.29 -29.18 -0.28
CA ARG A 435 -1.18 -30.32 -0.33
C ARG A 435 -1.13 -31.14 0.94
N GLU A 436 -0.03 -31.04 1.68
CA GLU A 436 0.04 -31.71 2.97
C GLU A 436 -0.84 -30.98 3.99
N LEU A 437 -1.15 -29.72 3.70
CA LEU A 437 -2.16 -28.96 4.44
C LEU A 437 -3.59 -29.21 3.92
N GLU A 438 -3.72 -30.18 3.02
CA GLU A 438 -5.03 -30.63 2.56
C GLU A 438 -5.80 -29.52 1.87
N LEU A 439 -5.07 -28.68 1.14
CA LEU A 439 -5.72 -27.82 0.16
C LEU A 439 -5.87 -28.59 -1.14
N ASP A 440 -7.11 -28.96 -1.46
CA ASP A 440 -7.38 -29.81 -2.63
C ASP A 440 -7.19 -29.04 -3.94
N ASN B 2 -25.87 20.18 -11.53
CA ASN B 2 -26.26 19.27 -10.48
C ASN B 2 -25.57 17.90 -10.59
N LYS B 3 -25.78 17.20 -11.69
CA LYS B 3 -25.11 15.93 -11.91
C LYS B 3 -23.64 16.17 -12.21
N LEU B 4 -22.81 15.20 -11.83
CA LEU B 4 -21.35 15.32 -12.00
C LEU B 4 -20.95 15.70 -13.43
N ALA B 5 -21.60 15.09 -14.41
CA ALA B 5 -21.27 15.37 -15.82
C ALA B 5 -21.39 16.87 -16.15
N VAL B 6 -22.46 17.49 -15.66
CA VAL B 6 -22.74 18.90 -15.89
C VAL B 6 -21.76 19.84 -15.15
N LEU B 7 -21.47 19.50 -13.89
CA LEU B 7 -20.54 20.26 -13.09
C LEU B 7 -19.12 20.16 -13.62
N TYR B 8 -18.74 19.02 -14.19
CA TYR B 8 -17.37 18.84 -14.65
C TYR B 8 -16.98 19.82 -15.75
N ALA B 9 -17.95 20.16 -16.61
CA ALA B 9 -17.74 21.10 -17.70
C ALA B 9 -17.25 22.45 -17.17
N GLU B 10 -17.76 22.84 -16.02
CA GLU B 10 -17.41 24.14 -15.45
C GLU B 10 -16.08 24.04 -14.70
N HIS B 11 -15.80 22.87 -14.17
CA HIS B 11 -14.51 22.55 -13.55
C HIS B 11 -13.36 22.71 -14.54
N ILE B 12 -13.50 22.09 -15.70
CA ILE B 12 -12.49 22.21 -16.74
C ILE B 12 -12.29 23.68 -17.11
N ALA B 13 -13.39 24.39 -17.39
CA ALA B 13 -13.33 25.81 -17.74
C ALA B 13 -12.57 26.62 -16.68
N THR B 14 -12.75 26.26 -15.42
CA THR B 14 -12.07 26.95 -14.34
C THR B 14 -10.57 26.68 -14.34
N LEU B 15 -10.19 25.42 -14.59
CA LEU B 15 -8.79 25.04 -14.61
C LEU B 15 -8.11 25.68 -15.81
N GLN B 16 -8.81 25.72 -16.93
CA GLN B 16 -8.31 26.43 -18.12
C GLN B 16 -8.00 27.88 -17.82
N LYS B 17 -8.96 28.57 -17.19
CA LYS B 17 -8.80 29.98 -16.82
C LYS B 17 -7.59 30.20 -15.91
N ARG B 18 -7.41 29.32 -14.92
CA ARG B 18 -6.27 29.41 -14.02
C ARG B 18 -4.96 29.19 -14.76
N THR B 19 -4.99 28.25 -15.70
CA THR B 19 -3.81 27.93 -16.48
C THR B 19 -3.46 29.13 -17.35
N ARG B 20 -4.46 29.72 -17.99
CA ARG B 20 -4.24 30.88 -18.84
C ARG B 20 -3.55 32.03 -18.10
N GLU B 21 -3.95 32.26 -16.85
CA GLU B 21 -3.39 33.38 -16.11
C GLU B 21 -1.95 33.11 -15.66
N ILE B 22 -1.68 31.89 -15.23
CA ILE B 22 -0.36 31.61 -14.69
C ILE B 22 0.68 31.50 -15.80
N ILE B 23 0.31 30.95 -16.97
CA ILE B 23 1.29 30.85 -18.04
C ILE B 23 1.59 32.23 -18.64
N GLU B 24 0.56 33.08 -18.71
CA GLU B 24 0.72 34.43 -19.24
C GLU B 24 1.60 35.25 -18.29
N ARG B 25 1.37 35.09 -16.99
CA ARG B 25 2.14 35.81 -15.99
C ARG B 25 3.61 35.34 -15.91
N GLU B 26 3.84 34.05 -16.11
CA GLU B 26 5.18 33.50 -15.95
C GLU B 26 5.88 33.31 -17.29
N ASN B 27 5.27 33.81 -18.34
CA ASN B 27 5.85 33.76 -19.67
C ASN B 27 6.14 32.33 -20.14
N LEU B 28 5.15 31.46 -20.00
CA LEU B 28 5.28 30.06 -20.41
C LEU B 28 4.50 29.78 -21.67
N ASP B 29 4.79 28.64 -22.29
CA ASP B 29 4.03 28.20 -23.45
C ASP B 29 2.88 27.31 -22.99
N GLY B 30 3.10 26.62 -21.87
CA GLY B 30 2.09 25.73 -21.31
C GLY B 30 2.61 24.96 -20.11
N VAL B 31 1.74 24.11 -19.55
CA VAL B 31 2.07 23.35 -18.35
C VAL B 31 1.81 21.86 -18.59
N VAL B 32 2.71 21.03 -18.10
CA VAL B 32 2.63 19.58 -18.28
C VAL B 32 2.55 18.84 -16.95
N PHE B 33 1.43 18.18 -16.69
CA PHE B 33 1.25 17.41 -15.48
C PHE B 33 1.54 15.92 -15.71
N HIS B 34 2.51 15.39 -14.98
CA HIS B 34 2.90 13.98 -15.09
C HIS B 34 2.23 13.20 -13.96
N SER B 35 1.46 12.16 -14.30
CA SER B 35 0.68 11.45 -13.28
C SER B 35 1.60 10.70 -12.34
N GLY B 36 2.75 10.27 -12.87
CA GLY B 36 3.72 9.52 -12.07
C GLY B 36 4.20 8.24 -12.72
N GLN B 37 4.73 7.34 -11.89
CA GLN B 37 5.24 6.05 -12.35
C GLN B 37 5.09 5.02 -11.23
N ALA B 38 5.16 3.73 -11.59
CA ALA B 38 5.18 2.68 -10.57
C ALA B 38 6.60 2.54 -10.02
N LYS B 39 6.70 2.30 -8.72
CA LYS B 39 7.98 2.20 -8.05
C LYS B 39 8.29 0.75 -7.73
N ARG B 40 9.46 0.29 -8.15
CA ARG B 40 9.83 -1.11 -7.96
C ARG B 40 10.45 -1.29 -6.58
N GLN B 41 10.20 -2.43 -5.98
CA GLN B 41 10.85 -2.72 -4.70
C GLN B 41 12.27 -3.22 -4.92
N PHE B 42 13.14 -2.84 -4.01
CA PHE B 42 14.58 -3.06 -4.14
C PHE B 42 14.92 -4.53 -4.37
N LEU B 43 15.69 -4.78 -5.42
CA LEU B 43 16.16 -6.13 -5.75
C LEU B 43 15.00 -7.07 -6.05
N ASP B 44 13.83 -6.52 -6.33
CA ASP B 44 12.62 -7.33 -6.46
C ASP B 44 11.86 -7.01 -7.76
N ASP B 45 10.86 -7.83 -8.09
CA ASP B 45 9.96 -7.49 -9.19
C ASP B 45 8.52 -7.22 -8.73
N MET B 46 8.36 -6.93 -7.44
CA MET B 46 7.09 -6.38 -6.94
C MET B 46 7.14 -4.87 -6.97
N TYR B 47 5.97 -4.24 -6.99
CA TYR B 47 5.92 -2.78 -6.98
C TYR B 47 5.19 -2.24 -5.76
N TYR B 48 5.47 -0.98 -5.45
CA TYR B 48 4.70 -0.30 -4.44
C TYR B 48 3.36 0.04 -5.05
N PRO B 49 2.33 0.25 -4.24
CA PRO B 49 1.07 0.74 -4.80
C PRO B 49 1.23 2.12 -5.41
N PHE B 50 0.58 2.35 -6.56
CA PHE B 50 0.71 3.60 -7.29
C PHE B 50 -0.02 4.77 -6.62
N LYS B 51 0.63 5.94 -6.56
CA LYS B 51 -0.01 7.14 -6.04
C LYS B 51 0.09 8.28 -7.04
N VAL B 52 -1.04 8.73 -7.54
CA VAL B 52 -1.05 9.73 -8.60
C VAL B 52 -0.61 11.09 -8.10
N ASN B 53 0.06 11.83 -8.97
CA ASN B 53 0.39 13.25 -8.78
C ASN B 53 -0.88 14.07 -8.53
N PRO B 54 -0.99 14.66 -7.33
CA PRO B 54 -2.17 15.47 -6.99
C PRO B 54 -2.47 16.54 -8.04
N GLN B 55 -1.43 17.08 -8.66
CA GLN B 55 -1.61 18.12 -9.67
C GLN B 55 -2.18 17.55 -10.96
N PHE B 56 -2.00 16.24 -11.14
CA PHE B 56 -2.51 15.56 -12.33
C PHE B 56 -4.00 15.27 -12.18
N LYS B 57 -4.36 14.67 -11.04
CA LYS B 57 -5.73 14.28 -10.78
C LYS B 57 -6.62 15.49 -10.47
N ALA B 58 -6.01 16.67 -10.35
CA ALA B 58 -6.77 17.92 -10.27
C ALA B 58 -7.63 18.11 -11.51
N TRP B 59 -7.20 17.53 -12.61
CA TRP B 59 -7.89 17.72 -13.87
C TRP B 59 -8.99 16.70 -14.17
N LEU B 60 -8.84 15.49 -13.68
CA LEU B 60 -9.76 14.42 -14.09
C LEU B 60 -9.62 13.22 -13.15
N PRO B 61 -10.70 12.44 -13.01
CA PRO B 61 -10.69 11.32 -12.06
C PRO B 61 -9.98 10.07 -12.61
N VAL B 62 -8.69 10.23 -12.89
CA VAL B 62 -7.82 9.11 -13.25
C VAL B 62 -6.71 9.02 -12.23
N ILE B 63 -6.79 8.03 -11.36
CA ILE B 63 -5.91 7.99 -10.20
C ILE B 63 -5.14 6.68 -10.13
N ASP B 64 -5.42 5.75 -11.02
CA ASP B 64 -4.74 4.44 -11.03
C ASP B 64 -3.88 4.24 -12.28
N ASN B 65 -3.48 5.32 -12.93
CA ASN B 65 -2.77 5.17 -14.18
C ASN B 65 -1.47 5.96 -14.23
N PRO B 66 -0.34 5.26 -14.13
CA PRO B 66 1.00 5.81 -14.30
C PRO B 66 1.28 6.23 -15.76
N HIS B 67 2.31 7.05 -15.97
CA HIS B 67 2.81 7.37 -17.31
C HIS B 67 1.83 8.21 -18.13
N CYS B 68 0.91 8.88 -17.43
CA CYS B 68 0.02 9.80 -18.12
C CYS B 68 0.54 11.22 -18.03
N TRP B 69 0.19 12.02 -19.02
CA TRP B 69 0.66 13.39 -19.13
C TRP B 69 -0.46 14.29 -19.58
N ILE B 70 -0.61 15.43 -18.92
CA ILE B 70 -1.53 16.48 -19.39
C ILE B 70 -0.72 17.68 -19.83
N VAL B 71 -0.97 18.11 -21.06
CA VAL B 71 -0.36 19.31 -21.61
C VAL B 71 -1.44 20.41 -21.69
N ALA B 72 -1.38 21.38 -20.78
CA ALA B 72 -2.38 22.47 -20.77
C ALA B 72 -1.79 23.83 -21.12
N ASN B 73 -2.56 24.67 -21.81
CA ASN B 73 -2.22 26.11 -21.91
C ASN B 73 -3.44 26.98 -21.63
N GLY B 74 -4.61 26.35 -21.62
CA GLY B 74 -5.80 26.99 -21.11
C GLY B 74 -6.66 27.62 -22.19
N THR B 75 -6.17 27.56 -23.42
CA THR B 75 -6.93 28.05 -24.54
C THR B 75 -7.38 26.87 -25.39
N ASP B 76 -6.44 26.06 -25.84
CA ASP B 76 -6.81 24.81 -26.50
C ASP B 76 -7.29 23.83 -25.44
N LYS B 77 -8.08 22.86 -25.88
CA LYS B 77 -8.46 21.75 -25.03
C LYS B 77 -7.19 21.14 -24.47
N PRO B 78 -7.22 20.74 -23.21
CA PRO B 78 -6.00 20.12 -22.70
C PRO B 78 -5.72 18.80 -23.41
N LYS B 79 -4.46 18.56 -23.79
CA LYS B 79 -4.10 17.26 -24.35
C LYS B 79 -3.88 16.24 -23.24
N LEU B 80 -4.54 15.10 -23.32
CA LEU B 80 -4.27 14.02 -22.38
C LEU B 80 -3.51 12.91 -23.07
N ILE B 81 -2.38 12.53 -22.48
CA ILE B 81 -1.68 11.35 -22.94
C ILE B 81 -2.01 10.20 -21.99
N PHE B 82 -2.75 9.22 -22.50
CA PHE B 82 -3.31 8.17 -21.67
C PHE B 82 -2.60 6.84 -21.92
N TYR B 83 -1.90 6.38 -20.90
CA TYR B 83 -1.21 5.10 -20.93
C TYR B 83 -2.18 3.93 -21.06
N ARG B 84 -1.92 3.07 -22.05
CA ARG B 84 -2.80 1.94 -22.31
C ARG B 84 -2.00 0.82 -22.99
N PRO B 85 -1.20 0.08 -22.20
CA PRO B 85 -0.34 -1.00 -22.70
C PRO B 85 -1.12 -2.13 -23.35
N VAL B 86 -0.46 -2.86 -24.23
CA VAL B 86 -1.10 -3.99 -24.89
C VAL B 86 -0.27 -5.25 -24.68
N ASP B 87 -0.72 -6.12 -23.79
CA ASP B 87 -0.13 -7.44 -23.67
C ASP B 87 -1.15 -8.40 -23.07
N PHE B 88 -0.89 -9.70 -23.18
CA PHE B 88 -1.87 -10.70 -22.75
C PHE B 88 -1.94 -10.81 -21.23
N TRP B 89 -1.09 -10.06 -20.55
CA TRP B 89 -1.05 -10.06 -19.11
C TRP B 89 -2.16 -9.18 -18.50
N HIS B 90 -2.73 -8.29 -19.31
CA HIS B 90 -3.63 -7.24 -18.81
C HIS B 90 -5.04 -7.25 -19.41
N PRO B 96 -11.49 4.67 -22.39
CA PRO B 96 -11.72 6.07 -22.03
C PRO B 96 -13.00 6.62 -22.68
N ASN B 97 -14.14 6.46 -22.02
CA ASN B 97 -15.44 6.81 -22.62
C ASN B 97 -16.38 7.50 -21.63
N GLU B 98 -15.88 7.89 -20.46
CA GLU B 98 -16.72 8.56 -19.47
C GLU B 98 -16.89 10.03 -19.81
N TYR B 99 -17.65 10.75 -18.98
CA TYR B 99 -18.03 12.13 -19.28
C TYR B 99 -16.81 13.01 -19.46
N TRP B 100 -15.75 12.77 -18.69
CA TRP B 100 -14.58 13.66 -18.71
C TRP B 100 -13.71 13.51 -19.96
N ALA B 101 -13.93 12.43 -20.71
CA ALA B 101 -13.05 12.11 -21.84
C ALA B 101 -13.06 13.18 -22.95
N ASP B 102 -14.24 13.60 -23.38
CA ASP B 102 -14.28 14.52 -24.52
C ASP B 102 -13.92 15.97 -24.15
N TYR B 103 -13.43 16.20 -22.93
CA TYR B 103 -12.82 17.49 -22.59
C TYR B 103 -11.31 17.47 -22.82
N PHE B 104 -10.78 16.32 -23.23
CA PHE B 104 -9.36 16.22 -23.51
C PHE B 104 -9.12 15.77 -24.95
N ASP B 105 -8.10 16.33 -25.58
CA ASP B 105 -7.58 15.78 -26.82
C ASP B 105 -6.71 14.59 -26.44
N ILE B 106 -7.25 13.38 -26.61
CA ILE B 106 -6.61 12.20 -26.07
C ILE B 106 -5.76 11.47 -27.10
N GLU B 107 -4.65 10.95 -26.64
CA GLU B 107 -3.76 10.11 -27.44
C GLU B 107 -3.25 8.97 -26.58
N LEU B 108 -3.33 7.74 -27.09
CA LEU B 108 -2.94 6.55 -26.35
C LEU B 108 -1.41 6.32 -26.36
N LEU B 109 -0.87 5.86 -25.25
CA LEU B 109 0.56 5.56 -25.15
C LEU B 109 0.76 4.10 -24.77
N VAL B 110 1.27 3.28 -25.68
CA VAL B 110 1.34 1.83 -25.42
C VAL B 110 2.60 1.42 -24.66
N LYS B 111 3.64 2.25 -24.71
CA LYS B 111 4.82 2.08 -23.87
C LYS B 111 5.41 3.43 -23.47
N PRO B 112 5.87 3.55 -22.22
CA PRO B 112 6.36 4.81 -21.63
C PRO B 112 7.50 5.48 -22.41
N ASP B 113 8.35 4.71 -23.09
CA ASP B 113 9.49 5.31 -23.79
C ASP B 113 9.08 5.89 -25.15
N GLN B 114 7.78 5.81 -25.46
CA GLN B 114 7.30 6.31 -26.74
C GLN B 114 6.57 7.63 -26.54
N VAL B 115 6.80 8.26 -25.39
CA VAL B 115 6.08 9.49 -25.03
C VAL B 115 6.73 10.74 -25.61
N GLU B 116 8.06 10.69 -25.77
CA GLU B 116 8.80 11.83 -26.32
C GLU B 116 8.16 12.37 -27.60
N LYS B 117 7.61 11.47 -28.41
CA LYS B 117 6.95 11.83 -29.66
C LYS B 117 5.71 12.72 -29.47
N LEU B 118 4.93 12.43 -28.44
CA LEU B 118 3.63 13.08 -28.23
C LEU B 118 3.69 14.44 -27.52
N LEU B 119 4.81 14.71 -26.85
CA LEU B 119 5.02 15.97 -26.16
C LEU B 119 5.42 17.09 -27.14
N PRO B 120 5.38 18.35 -26.68
CA PRO B 120 5.81 19.50 -27.46
C PRO B 120 7.23 19.33 -27.98
N TYR B 121 7.48 19.65 -29.24
CA TYR B 121 8.82 19.46 -29.79
C TYR B 121 9.82 20.41 -29.15
N ASP B 122 9.38 21.61 -28.78
CA ASP B 122 10.24 22.55 -28.05
C ASP B 122 9.74 22.76 -26.61
N LYS B 123 10.47 22.19 -25.66
CA LYS B 123 10.00 22.11 -24.30
C LYS B 123 10.54 23.22 -23.40
N ALA B 124 11.28 24.16 -23.98
CA ALA B 124 11.96 25.22 -23.21
C ALA B 124 11.04 25.99 -22.25
N ARG B 125 9.88 26.39 -22.74
CA ARG B 125 8.97 27.22 -21.94
C ARG B 125 7.76 26.43 -21.45
N PHE B 126 7.92 25.12 -21.33
CA PHE B 126 6.88 24.27 -20.73
C PHE B 126 7.28 23.83 -19.32
N ALA B 127 6.45 24.14 -18.34
CA ALA B 127 6.72 23.71 -16.97
C ALA B 127 6.40 22.22 -16.82
N TYR B 128 7.36 21.46 -16.30
CA TYR B 128 7.11 20.09 -15.90
C TYR B 128 6.65 20.06 -14.45
N ILE B 129 5.42 19.61 -14.24
CA ILE B 129 4.86 19.46 -12.91
C ILE B 129 4.81 17.98 -12.52
N GLY B 130 5.83 17.50 -11.81
CA GLY B 130 5.86 16.08 -11.47
C GLY B 130 7.03 15.66 -10.62
N GLU B 131 7.06 14.38 -10.29
CA GLU B 131 8.07 13.84 -9.37
C GLU B 131 9.38 13.43 -10.05
N TYR B 132 9.28 13.05 -11.32
CA TYR B 132 10.39 12.36 -11.95
C TYR B 132 11.25 13.31 -12.76
N LEU B 133 12.06 14.05 -12.02
CA LEU B 133 12.86 15.15 -12.53
C LEU B 133 13.84 14.70 -13.61
N GLU B 134 14.58 13.63 -13.34
CA GLU B 134 15.61 13.21 -14.26
C GLU B 134 15.00 12.65 -15.55
N VAL B 135 13.93 11.86 -15.44
CA VAL B 135 13.17 11.41 -16.62
C VAL B 135 12.74 12.59 -17.50
N ALA B 136 12.21 13.62 -16.85
CA ALA B 136 11.72 14.83 -17.52
C ALA B 136 12.85 15.63 -18.17
N GLN B 137 14.01 15.68 -17.52
CA GLN B 137 15.20 16.32 -18.07
C GLN B 137 15.67 15.60 -19.31
N ALA B 138 15.68 14.27 -19.25
CA ALA B 138 16.12 13.46 -20.37
C ALA B 138 15.16 13.63 -21.55
N LEU B 139 13.90 13.92 -21.25
CA LEU B 139 12.94 14.18 -22.32
C LEU B 139 13.21 15.56 -22.90
N GLY B 140 13.96 16.38 -22.17
CA GLY B 140 14.28 17.72 -22.62
C GLY B 140 13.65 18.88 -21.85
N PHE B 141 12.75 18.58 -20.91
CA PHE B 141 12.19 19.61 -20.06
C PHE B 141 13.28 20.24 -19.20
N GLU B 142 13.18 21.54 -18.93
CA GLU B 142 14.16 22.18 -18.06
C GLU B 142 13.55 23.04 -16.94
N LEU B 143 12.24 23.22 -16.94
CA LEU B 143 11.59 23.97 -15.86
C LEU B 143 10.87 23.03 -14.89
N MET B 144 11.55 22.66 -13.80
CA MET B 144 11.06 21.64 -12.88
C MET B 144 10.30 22.25 -11.72
N ASN B 145 8.98 22.03 -11.70
CA ASN B 145 8.12 22.43 -10.58
C ASN B 145 8.40 23.84 -10.08
N PRO B 146 8.27 24.82 -10.98
CA PRO B 146 8.61 26.22 -10.65
C PRO B 146 7.71 26.77 -9.58
N GLU B 147 8.30 27.31 -8.52
CA GLU B 147 7.58 27.76 -7.32
C GLU B 147 6.41 28.72 -7.59
N PRO B 148 6.63 29.78 -8.39
CA PRO B 148 5.54 30.69 -8.77
C PRO B 148 4.34 29.92 -9.32
N VAL B 149 4.60 28.85 -10.07
CA VAL B 149 3.53 28.04 -10.62
C VAL B 149 2.95 27.08 -9.60
N MET B 150 3.80 26.48 -8.78
CA MET B 150 3.33 25.65 -7.67
C MET B 150 2.46 26.49 -6.72
N ASN B 151 3.01 27.62 -6.28
CA ASN B 151 2.31 28.48 -5.33
C ASN B 151 0.95 28.88 -5.89
N PHE B 152 0.92 29.27 -7.15
CA PHE B 152 -0.31 29.74 -7.77
C PHE B 152 -1.39 28.65 -7.84
N TYR B 153 -1.02 27.47 -8.32
CA TYR B 153 -2.00 26.39 -8.40
C TYR B 153 -2.45 25.93 -7.01
N HIS B 154 -1.51 25.89 -6.07
CA HIS B 154 -1.83 25.45 -4.72
C HIS B 154 -2.71 26.44 -3.97
N TYR B 155 -2.51 27.72 -4.24
CA TYR B 155 -3.34 28.77 -3.67
C TYR B 155 -4.81 28.63 -4.07
N HIS B 156 -5.05 28.37 -5.35
CA HIS B 156 -6.41 28.33 -5.85
C HIS B 156 -7.07 26.98 -5.58
N ARG B 157 -6.25 25.95 -5.35
CA ARG B 157 -6.76 24.68 -4.89
C ARG B 157 -7.68 24.83 -3.65
N ALA B 158 -7.55 25.94 -2.94
CA ALA B 158 -8.34 26.18 -1.74
C ALA B 158 -9.78 26.53 -2.08
N TYR B 159 -9.99 26.98 -3.30
CA TYR B 159 -11.33 27.30 -3.74
C TYR B 159 -11.83 26.14 -4.59
N LYS B 160 -12.63 25.27 -3.97
CA LYS B 160 -13.13 24.10 -4.69
C LYS B 160 -14.19 24.52 -5.70
N THR B 161 -14.14 23.90 -6.87
CA THR B 161 -15.21 24.07 -7.84
C THR B 161 -16.38 23.24 -7.37
N GLN B 162 -17.52 23.40 -8.04
CA GLN B 162 -18.76 22.77 -7.63
C GLN B 162 -18.63 21.27 -7.84
N TYR B 163 -17.90 20.91 -8.89
CA TYR B 163 -17.55 19.53 -9.17
C TYR B 163 -16.82 18.91 -7.99
N GLU B 164 -15.78 19.60 -7.53
CA GLU B 164 -15.00 19.09 -6.43
C GLU B 164 -15.85 19.00 -5.17
N LEU B 165 -16.72 19.98 -4.96
CA LEU B 165 -17.59 19.93 -3.81
C LEU B 165 -18.43 18.64 -3.86
N ALA B 166 -19.05 18.38 -5.00
CA ALA B 166 -19.87 17.20 -5.17
C ALA B 166 -19.07 15.91 -4.94
N CYS B 167 -17.84 15.89 -5.46
CA CYS B 167 -16.95 14.75 -5.25
C CYS B 167 -16.69 14.49 -3.76
N MET B 168 -16.46 15.58 -3.03
CA MET B 168 -16.19 15.47 -1.61
C MET B 168 -17.43 15.06 -0.81
N ARG B 169 -18.61 15.46 -1.27
CA ARG B 169 -19.82 14.97 -0.61
C ARG B 169 -19.93 13.43 -0.77
N GLU B 170 -19.50 12.91 -1.92
CA GLU B 170 -19.54 11.47 -2.12
C GLU B 170 -18.46 10.76 -1.30
N ALA B 171 -17.27 11.33 -1.23
CA ALA B 171 -16.23 10.75 -0.37
C ALA B 171 -16.74 10.65 1.07
N ASN B 172 -17.43 11.70 1.53
CA ASN B 172 -17.95 11.74 2.89
C ASN B 172 -19.07 10.75 3.11
N LYS B 173 -19.90 10.57 2.09
CA LYS B 173 -21.01 9.64 2.18
C LYS B 173 -20.49 8.23 2.41
N ILE B 174 -19.46 7.88 1.66
CA ILE B 174 -18.87 6.54 1.70
C ILE B 174 -18.19 6.28 3.04
N ALA B 175 -17.40 7.25 3.49
CA ALA B 175 -16.71 7.15 4.77
C ALA B 175 -17.69 6.99 5.94
N VAL B 176 -18.77 7.77 5.93
CA VAL B 176 -19.74 7.68 7.00
C VAL B 176 -20.33 6.27 7.13
N GLN B 177 -20.55 5.60 5.99
CA GLN B 177 -20.97 4.20 5.99
C GLN B 177 -19.96 3.37 6.74
N GLY B 178 -18.69 3.52 6.37
CA GLY B 178 -17.62 2.82 7.07
C GLY B 178 -17.60 3.07 8.57
N HIS B 179 -17.85 4.31 9.00
CA HIS B 179 -17.76 4.68 10.42
C HIS B 179 -18.86 4.07 11.25
N LYS B 180 -20.02 3.90 10.61
CA LYS B 180 -21.17 3.30 11.26
C LYS B 180 -20.94 1.80 11.43
N ALA B 181 -20.37 1.16 10.41
CA ALA B 181 -20.07 -0.27 10.51
C ALA B 181 -19.03 -0.48 11.60
N ALA B 182 -18.11 0.46 11.71
CA ALA B 182 -16.99 0.36 12.63
C ALA B 182 -17.47 0.56 14.07
N ARG B 183 -18.31 1.56 14.28
CA ARG B 183 -18.92 1.78 15.58
C ARG B 183 -19.79 0.59 16.04
N ASP B 184 -20.57 0.01 15.14
CA ASP B 184 -21.30 -1.22 15.48
C ASP B 184 -20.34 -2.35 15.88
N ALA B 185 -19.23 -2.46 15.18
CA ALA B 185 -18.31 -3.55 15.40
C ALA B 185 -17.67 -3.41 16.76
N PHE B 186 -17.38 -2.15 17.12
CA PHE B 186 -16.81 -1.83 18.42
C PHE B 186 -17.71 -2.31 19.55
N PHE B 187 -18.98 -1.94 19.51
CA PHE B 187 -19.90 -2.30 20.58
C PHE B 187 -20.16 -3.81 20.69
N GLN B 188 -19.75 -4.58 19.68
CA GLN B 188 -19.85 -6.03 19.77
C GLN B 188 -18.57 -6.66 20.32
N GLY B 189 -17.68 -5.80 20.83
CA GLY B 189 -16.44 -6.23 21.44
C GLY B 189 -15.39 -6.77 20.47
N LYS B 190 -15.45 -6.35 19.22
CA LYS B 190 -14.48 -6.83 18.22
C LYS B 190 -13.08 -6.25 18.43
N SER B 191 -12.11 -6.90 17.80
CA SER B 191 -10.73 -6.41 17.84
C SER B 191 -10.52 -5.27 16.85
N GLU B 192 -9.44 -4.53 17.06
CA GLU B 192 -9.08 -3.46 16.14
C GLU B 192 -9.07 -3.97 14.71
N PHE B 193 -8.49 -5.14 14.50
CA PHE B 193 -8.35 -5.68 13.14
C PHE B 193 -9.72 -6.03 12.53
N GLU B 194 -10.62 -6.60 13.32
CA GLU B 194 -11.97 -6.90 12.87
C GLU B 194 -12.80 -5.64 12.65
N ILE B 195 -12.50 -4.59 13.39
CA ILE B 195 -13.21 -3.33 13.21
C ILE B 195 -12.77 -2.63 11.92
N GLN B 196 -11.46 -2.65 11.64
CA GLN B 196 -10.94 -2.16 10.37
C GLN B 196 -11.55 -2.95 9.18
N GLN B 197 -11.69 -4.26 9.33
CA GLN B 197 -12.32 -5.08 8.27
C GLN B 197 -13.76 -4.63 8.00
N ALA B 198 -14.53 -4.42 9.06
CA ALA B 198 -15.90 -3.94 8.92
C ALA B 198 -15.95 -2.64 8.12
N TYR B 199 -14.99 -1.75 8.40
CA TYR B 199 -14.92 -0.46 7.77
C TYR B 199 -14.62 -0.59 6.29
N LEU B 200 -13.63 -1.42 5.96
CA LEU B 200 -13.25 -1.66 4.57
C LEU B 200 -14.42 -2.30 3.81
N LEU B 201 -15.19 -3.14 4.50
CA LEU B 201 -16.35 -3.75 3.86
C LEU B 201 -17.41 -2.69 3.55
N ALA B 202 -17.83 -1.94 4.57
CA ALA B 202 -18.88 -0.95 4.40
C ALA B 202 -18.52 0.12 3.36
N THR B 203 -17.25 0.55 3.32
CA THR B 203 -16.83 1.51 2.30
C THR B 203 -16.42 0.88 0.96
N GLN B 204 -16.42 -0.45 0.87
CA GLN B 204 -15.96 -1.14 -0.34
C GLN B 204 -14.58 -0.64 -0.81
N HIS B 205 -13.73 -0.28 0.14
CA HIS B 205 -12.37 0.15 -0.13
C HIS B 205 -11.37 -0.95 0.18
N SER B 206 -10.37 -1.11 -0.68
CA SER B 206 -9.17 -1.84 -0.34
C SER B 206 -8.34 -0.90 0.50
N GLU B 207 -7.43 -1.43 1.33
CA GLU B 207 -6.58 -0.61 2.21
C GLU B 207 -5.86 0.52 1.47
N ASN B 208 -5.31 0.21 0.30
CA ASN B 208 -4.58 1.20 -0.48
C ASN B 208 -5.50 2.19 -1.21
N ASP B 209 -6.80 2.02 -1.04
CA ASP B 209 -7.77 3.01 -1.53
C ASP B 209 -8.02 4.13 -0.55
N THR B 210 -7.84 3.89 0.74
CA THR B 210 -8.12 4.93 1.74
C THR B 210 -7.09 6.03 1.57
N PRO B 211 -7.53 7.29 1.66
CA PRO B 211 -6.66 8.44 1.38
C PRO B 211 -5.56 8.57 2.43
N PHE B 212 -5.75 7.94 3.59
CA PHE B 212 -4.67 7.77 4.55
C PHE B 212 -4.82 6.41 5.27
N GLY B 213 -3.80 6.01 6.04
CA GLY B 213 -3.88 4.79 6.82
C GLY B 213 -4.81 4.96 8.02
N ASN B 214 -5.86 4.16 8.08
CA ASN B 214 -6.84 4.29 9.16
C ASN B 214 -6.24 4.17 10.53
N ILE B 215 -6.68 5.07 11.40
CA ILE B 215 -6.45 4.92 12.82
C ILE B 215 -7.67 4.30 13.47
N VAL B 216 -7.49 3.06 13.93
CA VAL B 216 -8.52 2.31 14.61
C VAL B 216 -8.01 1.87 15.98
N ALA B 217 -8.31 2.67 17.00
CA ALA B 217 -7.70 2.52 18.32
C ALA B 217 -8.69 2.16 19.44
N LEU B 218 -8.30 1.18 20.26
CA LEU B 218 -9.04 0.83 21.46
C LEU B 218 -8.25 1.17 22.72
N ASN B 219 -8.96 1.68 23.72
CA ASN B 219 -8.41 1.92 25.04
C ASN B 219 -7.19 2.83 25.01
N GLU B 220 -6.06 2.38 25.53
CA GLU B 220 -4.92 3.29 25.65
C GLU B 220 -4.39 3.69 24.30
N ASN B 221 -4.67 2.89 23.28
CA ASN B 221 -4.19 3.22 21.95
C ASN B 221 -4.80 4.52 21.41
N CYS B 222 -5.99 4.88 21.90
CA CYS B 222 -6.63 6.16 21.57
C CYS B 222 -5.74 7.39 21.89
N ALA B 223 -4.75 7.23 22.74
CA ALA B 223 -3.84 8.33 23.06
C ALA B 223 -2.59 8.37 22.16
N ILE B 224 -2.46 7.43 21.23
CA ILE B 224 -1.35 7.48 20.31
C ILE B 224 -1.82 8.16 19.01
N LEU B 225 -1.46 9.43 18.85
CA LEU B 225 -1.98 10.26 17.77
C LEU B 225 -1.76 9.64 16.41
N HIS B 226 -0.61 9.01 16.22
CA HIS B 226 -0.27 8.42 14.93
C HIS B 226 -0.17 6.89 15.03
N TYR B 227 -1.17 6.32 15.68
CA TYR B 227 -1.37 4.88 15.77
C TYR B 227 -1.68 4.31 14.39
N THR B 228 -1.01 3.24 14.01
CA THR B 228 -1.13 2.70 12.66
C THR B 228 -1.44 1.20 12.61
N HIS B 229 -1.07 0.46 13.67
CA HIS B 229 -1.29 -0.99 13.77
CA HIS B 229 -1.30 -0.97 13.75
C HIS B 229 -2.76 -1.32 13.97
N PHE B 230 -3.09 -2.58 13.75
CA PHE B 230 -4.42 -3.13 13.97
C PHE B 230 -4.33 -4.41 14.81
N ASP B 231 -4.52 -4.31 16.12
CA ASP B 231 -4.46 -5.48 17.00
C ASP B 231 -5.38 -6.60 16.51
N ARG B 232 -4.85 -7.81 16.42
CA ARG B 232 -5.61 -9.01 16.06
C ARG B 232 -6.39 -9.57 17.25
N VAL B 233 -5.91 -9.28 18.46
CA VAL B 233 -6.55 -9.73 19.68
C VAL B 233 -7.41 -8.63 20.31
N ALA B 234 -8.69 -8.94 20.54
CA ALA B 234 -9.58 -8.01 21.22
C ALA B 234 -9.07 -7.77 22.64
N PRO B 235 -9.22 -6.55 23.16
CA PRO B 235 -8.77 -6.39 24.55
C PRO B 235 -9.71 -7.13 25.50
N ALA B 236 -9.20 -7.61 26.63
CA ALA B 236 -10.03 -8.30 27.62
C ALA B 236 -11.16 -7.40 28.15
N THR B 237 -10.87 -6.11 28.29
CA THR B 237 -11.88 -5.13 28.70
C THR B 237 -12.01 -4.04 27.64
N HIS B 238 -13.24 -3.76 27.20
CA HIS B 238 -13.45 -2.67 26.27
C HIS B 238 -13.87 -1.40 27.01
N ARG B 239 -13.16 -0.31 26.76
CA ARG B 239 -13.41 0.93 27.47
C ARG B 239 -13.65 2.07 26.50
N SER B 240 -12.79 2.18 25.49
CA SER B 240 -12.88 3.30 24.57
C SER B 240 -12.54 2.91 23.14
N PHE B 241 -13.02 3.71 22.19
CA PHE B 241 -12.77 3.51 20.77
C PHE B 241 -12.58 4.85 20.07
N LEU B 242 -11.47 4.99 19.36
CA LEU B 242 -11.27 6.14 18.51
C LEU B 242 -10.93 5.68 17.10
N ILE B 243 -11.67 6.17 16.11
CA ILE B 243 -11.42 5.78 14.74
C ILE B 243 -11.37 7.02 13.89
N ASP B 244 -10.24 7.16 13.23
CA ASP B 244 -9.96 8.24 12.30
C ASP B 244 -9.75 7.55 10.94
N ALA B 245 -10.68 7.81 10.03
CA ALA B 245 -10.69 7.09 8.77
C ALA B 245 -11.44 7.89 7.73
N GLY B 246 -10.99 7.81 6.48
CA GLY B 246 -11.66 8.52 5.41
C GLY B 246 -12.03 7.60 4.27
N ALA B 247 -12.08 8.18 3.08
CA ALA B 247 -12.56 7.51 1.89
C ALA B 247 -12.17 8.34 0.70
N ASN B 248 -12.00 7.68 -0.44
CA ASN B 248 -11.73 8.41 -1.65
C ASN B 248 -12.95 8.45 -2.56
N PHE B 249 -13.18 9.58 -3.23
CA PHE B 249 -14.02 9.54 -4.41
C PHE B 249 -13.46 10.46 -5.49
N ASN B 250 -12.98 9.85 -6.58
CA ASN B 250 -12.40 10.56 -7.72
C ASN B 250 -11.14 11.37 -7.37
N GLY B 251 -10.38 10.95 -6.37
CA GLY B 251 -9.17 11.67 -6.01
C GLY B 251 -9.36 12.57 -4.79
N TYR B 252 -10.61 12.78 -4.39
CA TYR B 252 -10.95 13.67 -3.27
C TYR B 252 -11.16 12.87 -2.01
N ALA B 253 -10.71 13.44 -0.89
CA ALA B 253 -10.65 12.72 0.38
C ALA B 253 -11.77 13.13 1.35
N ALA B 254 -12.18 12.18 2.18
CA ALA B 254 -12.86 12.49 3.43
C ALA B 254 -11.91 12.18 4.62
N ASP B 255 -12.12 12.87 5.73
CA ASP B 255 -11.24 12.75 6.90
C ASP B 255 -12.09 12.90 8.16
N ILE B 256 -12.58 11.77 8.66
CA ILE B 256 -13.54 11.73 9.76
C ILE B 256 -13.00 10.99 10.99
N THR B 257 -13.25 11.54 12.17
CA THR B 257 -12.89 10.91 13.45
C THR B 257 -14.08 10.91 14.41
N ARG B 258 -14.27 9.78 15.08
CA ARG B 258 -15.27 9.66 16.12
C ARG B 258 -14.64 8.99 17.33
N THR B 259 -15.11 9.37 18.52
CA THR B 259 -14.66 8.73 19.75
C THR B 259 -15.89 8.18 20.50
N TYR B 260 -15.76 6.98 21.02
CA TYR B 260 -16.90 6.39 21.69
C TYR B 260 -16.48 5.81 23.02
N ASP B 261 -17.39 5.88 23.95
CA ASP B 261 -17.25 5.19 25.21
C ASP B 261 -18.10 3.92 25.09
N PHE B 262 -17.59 2.83 25.65
CA PHE B 262 -18.22 1.52 25.47
C PHE B 262 -19.53 1.44 26.22
N THR B 263 -19.53 1.88 27.48
CA THR B 263 -20.73 1.80 28.30
C THR B 263 -21.63 3.02 28.14
N GLY B 264 -21.06 4.13 27.69
CA GLY B 264 -21.82 5.35 27.55
C GLY B 264 -22.30 5.95 28.87
N GLU B 265 -21.59 5.64 29.95
CA GLU B 265 -21.83 6.28 31.23
C GLU B 265 -20.48 6.48 31.91
N GLY B 266 -20.40 7.35 32.91
CA GLY B 266 -19.14 7.59 33.59
C GLY B 266 -18.41 8.84 33.12
N GLU B 267 -17.36 9.19 33.84
CA GLU B 267 -16.64 10.44 33.60
C GLU B 267 -16.11 10.55 32.15
N PHE B 268 -15.52 9.48 31.62
CA PHE B 268 -14.98 9.55 30.26
C PHE B 268 -16.10 9.75 29.25
N ALA B 269 -17.24 9.09 29.46
CA ALA B 269 -18.37 9.27 28.55
C ALA B 269 -18.88 10.72 28.58
N GLU B 270 -18.92 11.33 29.76
CA GLU B 270 -19.36 12.72 29.86
C GLU B 270 -18.35 13.65 29.20
N LEU B 271 -17.09 13.23 29.24
CA LEU B 271 -16.02 14.00 28.62
C LEU B 271 -16.21 14.02 27.11
N VAL B 272 -16.56 12.86 26.57
CA VAL B 272 -16.81 12.77 25.14
C VAL B 272 -18.00 13.64 24.77
N ALA B 273 -19.06 13.62 25.58
CA ALA B 273 -20.25 14.41 25.29
C ALA B 273 -19.93 15.91 25.30
N THR B 274 -19.10 16.31 26.25
CA THR B 274 -18.68 17.70 26.37
C THR B 274 -17.83 18.13 25.18
N MET B 275 -16.86 17.30 24.79
CA MET B 275 -16.02 17.59 23.64
C MET B 275 -16.86 17.69 22.37
N LYS B 276 -17.85 16.81 22.24
CA LYS B 276 -18.76 16.83 21.10
C LYS B 276 -19.46 18.16 20.99
N GLN B 277 -19.92 18.69 22.12
CA GLN B 277 -20.64 19.96 22.08
C GLN B 277 -19.67 21.10 21.73
N HIS B 278 -18.45 21.03 22.23
CA HIS B 278 -17.41 22.01 21.85
C HIS B 278 -17.13 21.94 20.35
N GLN B 279 -17.04 20.72 19.86
CA GLN B 279 -16.70 20.46 18.46
C GLN B 279 -17.76 21.06 17.54
N ILE B 280 -19.03 20.82 17.87
CA ILE B 280 -20.14 21.36 17.09
C ILE B 280 -20.13 22.89 17.12
N ALA B 281 -19.81 23.46 18.28
CA ALA B 281 -19.73 24.91 18.43
C ALA B 281 -18.56 25.49 17.64
N LEU B 282 -17.50 24.71 17.50
CA LEU B 282 -16.36 25.19 16.75
C LEU B 282 -16.66 25.15 15.24
N CYS B 283 -17.42 24.16 14.80
CA CYS B 283 -17.83 24.04 13.40
C CYS B 283 -18.60 25.26 12.93
N ASN B 284 -19.50 25.74 13.79
CA ASN B 284 -20.35 26.86 13.46
C ASN B 284 -19.62 28.19 13.62
N GLN B 285 -18.32 28.13 13.87
CA GLN B 285 -17.49 29.33 13.95
C GLN B 285 -16.78 29.63 12.63
N LEU B 286 -16.78 28.66 11.72
CA LEU B 286 -16.25 28.87 10.38
C LEU B 286 -17.05 29.98 9.74
N ALA B 287 -16.36 30.94 9.13
CA ALA B 287 -17.06 32.05 8.50
C ALA B 287 -16.10 32.84 7.64
N PRO B 288 -16.55 33.21 6.43
CA PRO B 288 -15.76 34.07 5.54
C PRO B 288 -15.21 35.28 6.29
N GLY B 289 -13.92 35.54 6.19
CA GLY B 289 -13.35 36.73 6.79
C GLY B 289 -12.57 36.43 8.06
N LYS B 290 -12.94 35.34 8.73
CA LYS B 290 -12.24 34.93 9.94
C LYS B 290 -10.94 34.20 9.62
N LEU B 291 -9.88 34.50 10.37
CA LEU B 291 -8.65 33.70 10.32
C LEU B 291 -8.89 32.35 11.00
N TYR B 292 -8.39 31.28 10.40
CA TYR B 292 -8.56 29.96 11.00
C TYR B 292 -7.86 29.90 12.38
N GLY B 293 -6.86 30.75 12.57
CA GLY B 293 -6.22 30.89 13.87
C GLY B 293 -7.17 31.26 15.01
N GLU B 294 -8.10 32.18 14.71
N GLU B 294 -8.10 32.17 14.73
CA GLU B 294 -9.07 32.66 15.70
CA GLU B 294 -9.07 32.62 15.74
C GLU B 294 -9.90 31.49 16.29
C GLU B 294 -9.86 31.46 16.32
N LEU B 295 -10.16 30.48 15.49
CA LEU B 295 -10.88 29.27 15.94
C LEU B 295 -9.95 28.32 16.69
N HIS B 296 -8.66 28.35 16.35
CA HIS B 296 -7.72 27.50 17.02
C HIS B 296 -7.58 27.95 18.47
N LEU B 297 -7.50 29.26 18.68
CA LEU B 297 -7.42 29.79 20.03
C LEU B 297 -8.69 29.49 20.82
N ASP B 298 -9.84 29.54 20.16
CA ASP B 298 -11.11 29.24 20.81
C ASP B 298 -11.13 27.77 21.26
N CYS B 299 -10.55 26.89 20.45
CA CYS B 299 -10.46 25.49 20.83
C CYS B 299 -9.68 25.34 22.13
N HIS B 300 -8.59 26.08 22.25
CA HIS B 300 -7.75 26.00 23.44
C HIS B 300 -8.52 26.53 24.65
N GLN B 301 -9.20 27.66 24.47
CA GLN B 301 -10.10 28.16 25.49
C GLN B 301 -11.10 27.09 25.94
N ARG B 302 -11.71 26.42 24.97
CA ARG B 302 -12.74 25.42 25.28
C ARG B 302 -12.14 24.17 25.95
N VAL B 303 -10.94 23.78 25.54
CA VAL B 303 -10.27 22.65 26.15
C VAL B 303 -9.89 22.98 27.59
N ALA B 304 -9.38 24.20 27.78
CA ALA B 304 -9.09 24.70 29.13
C ALA B 304 -10.35 24.70 29.97
N GLN B 305 -11.49 24.99 29.34
CA GLN B 305 -12.74 25.05 30.08
C GLN B 305 -13.19 23.66 30.49
N THR B 306 -12.97 22.68 29.62
CA THR B 306 -13.29 21.31 29.95
C THR B 306 -12.43 20.80 31.11
N LEU B 307 -11.14 21.09 31.04
CA LEU B 307 -10.19 20.69 32.07
C LEU B 307 -10.60 21.26 33.42
N SER B 308 -11.07 22.50 33.40
CA SER B 308 -11.44 23.20 34.63
C SER B 308 -12.71 22.62 35.25
N ASP B 309 -13.71 22.42 34.39
CA ASP B 309 -15.00 21.88 34.80
C ASP B 309 -14.92 20.45 35.30
N PHE B 310 -14.15 19.61 34.63
CA PHE B 310 -14.02 18.23 35.08
C PHE B 310 -13.00 18.13 36.21
N ASN B 311 -12.49 19.29 36.62
CA ASN B 311 -11.53 19.36 37.71
CA ASN B 311 -11.52 19.38 37.70
C ASN B 311 -10.31 18.47 37.45
N ILE B 312 -9.85 18.45 36.22
CA ILE B 312 -8.62 17.74 35.91
C ILE B 312 -7.44 18.67 36.22
N VAL B 313 -7.66 19.95 35.95
CA VAL B 313 -6.73 21.00 36.35
C VAL B 313 -7.45 21.95 37.32
N ASN B 314 -6.84 22.20 38.47
CA ASN B 314 -7.48 23.01 39.49
C ASN B 314 -7.26 24.50 39.26
N LEU B 315 -7.80 25.02 38.15
CA LEU B 315 -7.61 26.41 37.77
C LEU B 315 -8.79 26.85 36.91
N SER B 316 -8.97 28.18 36.81
CA SER B 316 -9.93 28.73 35.87
C SER B 316 -9.48 28.43 34.45
N ALA B 317 -10.41 28.47 33.50
CA ALA B 317 -10.07 28.20 32.12
C ALA B 317 -9.01 29.17 31.61
N ASP B 318 -9.07 30.41 32.08
CA ASP B 318 -8.16 31.46 31.58
C ASP B 318 -6.75 31.25 32.12
N GLU B 319 -6.65 30.87 33.40
CA GLU B 319 -5.35 30.56 34.00
C GLU B 319 -4.68 29.40 33.27
N ILE B 320 -5.45 28.35 33.01
CA ILE B 320 -4.93 27.20 32.29
C ILE B 320 -4.36 27.59 30.94
N VAL B 321 -4.97 28.58 30.30
CA VAL B 321 -4.46 29.02 29.00
C VAL B 321 -3.18 29.84 29.16
N ALA B 322 -3.13 30.68 30.19
CA ALA B 322 -2.01 31.57 30.40
C ALA B 322 -0.74 30.77 30.70
N LYS B 323 -0.88 29.79 31.60
CA LYS B 323 0.26 28.95 31.98
C LYS B 323 0.63 27.97 30.87
N GLY B 324 -0.09 28.03 29.75
CA GLY B 324 0.16 27.14 28.63
C GLY B 324 0.04 25.67 28.98
N ILE B 325 -1.02 25.30 29.68
CA ILE B 325 -1.19 23.93 30.10
C ILE B 325 -2.03 23.12 29.11
N THR B 326 -2.94 23.78 28.40
CA THR B 326 -3.85 23.08 27.50
C THR B 326 -3.11 22.28 26.43
N SER B 327 -1.92 22.74 26.05
CA SER B 327 -1.15 22.04 25.02
C SER B 327 -0.70 20.64 25.44
N THR B 328 -0.65 20.38 26.75
CA THR B 328 -0.39 19.03 27.27
C THR B 328 -1.52 18.06 26.90
N PHE B 329 -2.75 18.58 26.81
CA PHE B 329 -3.94 17.77 26.58
C PHE B 329 -4.46 17.87 25.15
N PHE B 330 -4.15 18.98 24.46
CA PHE B 330 -4.52 19.17 23.06
C PHE B 330 -3.29 19.63 22.26
N PRO B 331 -2.45 18.67 21.84
CA PRO B 331 -1.11 19.00 21.33
C PRO B 331 -1.03 19.33 19.86
N HIS B 332 -2.12 19.21 19.10
CA HIS B 332 -2.07 19.41 17.65
C HIS B 332 -2.99 20.55 17.18
N GLY B 333 -3.16 20.68 15.86
CA GLY B 333 -3.92 21.78 15.30
C GLY B 333 -5.41 21.47 15.28
N LEU B 334 -6.25 22.51 15.29
CA LEU B 334 -7.69 22.30 15.22
C LEU B 334 -8.12 21.64 13.88
N GLY B 335 -7.37 21.89 12.82
CA GLY B 335 -7.68 21.26 11.56
C GLY B 335 -6.98 21.88 10.38
N HIS B 336 -7.49 21.63 9.19
CA HIS B 336 -6.75 21.90 7.98
C HIS B 336 -7.69 21.89 6.79
N HIS B 337 -7.29 22.56 5.71
CA HIS B 337 -7.96 22.34 4.43
C HIS B 337 -7.93 20.86 4.05
N ILE B 338 -8.87 20.46 3.20
CA ILE B 338 -8.98 19.08 2.74
C ILE B 338 -9.59 19.06 1.35
N GLY B 339 -9.16 18.15 0.50
CA GLY B 339 -9.69 18.01 -0.84
C GLY B 339 -8.95 16.91 -1.57
N LEU B 340 -8.21 17.29 -2.61
CA LEU B 340 -7.43 16.29 -3.35
C LEU B 340 -6.40 15.63 -2.45
N GLN B 341 -5.74 16.42 -1.62
CA GLN B 341 -4.83 15.88 -0.61
C GLN B 341 -5.51 15.98 0.76
N VAL B 342 -5.29 14.97 1.62
CA VAL B 342 -5.96 14.91 2.92
C VAL B 342 -5.69 16.18 3.73
N HIS B 343 -4.41 16.48 3.90
CA HIS B 343 -3.96 17.79 4.40
C HIS B 343 -3.69 18.69 3.20
N ASP B 344 -4.74 19.32 2.71
CA ASP B 344 -4.67 19.95 1.40
C ASP B 344 -3.74 21.18 1.36
N VAL B 345 -3.33 21.55 0.15
CA VAL B 345 -2.44 22.67 -0.06
C VAL B 345 -3.12 24.06 0.09
N GLY B 346 -2.30 25.10 0.19
CA GLY B 346 -2.81 26.46 0.25
C GLY B 346 -3.23 26.98 1.64
N GLY B 347 -3.09 26.14 2.66
CA GLY B 347 -3.61 26.46 3.98
C GLY B 347 -2.77 27.42 4.80
N PHE B 348 -1.57 27.73 4.33
CA PHE B 348 -0.68 28.61 5.07
C PHE B 348 -0.50 29.91 4.26
N MET B 349 -0.92 29.88 3.00
CA MET B 349 -0.69 31.00 2.09
C MET B 349 -1.63 32.18 2.30
N ALA B 350 -1.07 33.38 2.19
CA ALA B 350 -1.83 34.62 2.34
C ALA B 350 -2.09 35.28 0.98
N ASP B 351 -1.27 34.95 -0.01
CA ASP B 351 -1.45 35.45 -1.38
C ASP B 351 -1.12 34.36 -2.41
N GLU B 352 -1.37 34.66 -3.69
CA GLU B 352 -0.95 33.78 -4.78
C GLU B 352 0.56 33.61 -4.91
N GLN B 353 1.32 34.49 -4.27
CA GLN B 353 2.79 34.44 -4.35
C GLN B 353 3.41 33.51 -3.32
N GLY B 354 2.56 32.89 -2.50
CA GLY B 354 3.01 31.94 -1.50
C GLY B 354 3.51 32.57 -0.20
N ALA B 355 3.04 33.78 0.10
CA ALA B 355 3.43 34.47 1.33
C ALA B 355 2.77 33.83 2.55
N HIS B 356 3.52 33.71 3.63
CA HIS B 356 3.05 32.98 4.81
C HIS B 356 2.16 33.82 5.75
N GLN B 357 0.90 33.40 5.89
CA GLN B 357 0.04 33.91 6.95
C GLN B 357 0.54 33.37 8.29
N GLU B 358 1.10 34.24 9.13
CA GLU B 358 1.75 33.82 10.37
C GLU B 358 0.76 33.28 11.41
N PRO B 359 1.14 32.21 12.14
CA PRO B 359 0.29 31.59 13.17
C PRO B 359 0.20 32.41 14.47
N PRO B 360 -0.84 32.15 15.29
CA PRO B 360 -1.07 32.81 16.59
C PRO B 360 -0.11 32.41 17.72
N ARG B 367 -1.02 24.68 11.60
CA ARG B 367 -1.07 24.28 10.20
C ARG B 367 -1.80 25.28 9.31
N CYS B 368 -3.11 25.43 9.56
CA CYS B 368 -3.96 26.30 8.76
C CYS B 368 -4.14 27.68 9.42
N THR B 369 -3.83 28.73 8.67
CA THR B 369 -3.82 30.10 9.19
C THR B 369 -4.57 31.04 8.27
N ARG B 370 -4.80 30.57 7.06
CA ARG B 370 -5.30 31.40 5.98
C ARG B 370 -6.69 31.91 6.27
N LYS B 371 -7.01 33.07 5.72
CA LYS B 371 -8.31 33.67 5.96
C LYS B 371 -9.36 32.84 5.27
N ILE B 372 -10.37 32.44 6.02
CA ILE B 372 -11.45 31.59 5.51
C ILE B 372 -12.32 32.30 4.47
N GLU B 373 -12.68 31.56 3.43
CA GLU B 373 -13.56 32.09 2.38
C GLU B 373 -14.60 31.08 1.89
N ALA B 374 -15.64 31.59 1.23
CA ALA B 374 -16.63 30.74 0.61
C ALA B 374 -15.98 29.70 -0.32
N ASN B 375 -16.54 28.49 -0.30
CA ASN B 375 -16.15 27.36 -1.14
C ASN B 375 -14.85 26.68 -0.72
N GLN B 376 -14.37 27.01 0.48
CA GLN B 376 -13.24 26.29 1.03
C GLN B 376 -13.76 25.16 1.91
N VAL B 377 -12.93 24.15 2.13
CA VAL B 377 -13.37 22.98 2.85
C VAL B 377 -12.38 22.63 3.97
N PHE B 378 -12.91 22.58 5.19
CA PHE B 378 -12.10 22.40 6.38
C PHE B 378 -12.45 21.15 7.17
N THR B 379 -11.49 20.66 7.93
CA THR B 379 -11.78 19.73 9.00
C THR B 379 -11.88 20.54 10.29
N ILE B 380 -12.65 20.04 11.24
CA ILE B 380 -12.64 20.58 12.58
C ILE B 380 -12.47 19.40 13.54
N GLU B 381 -11.31 19.35 14.20
CA GLU B 381 -10.98 18.19 15.02
C GLU B 381 -10.35 18.48 16.39
N PRO B 382 -11.13 19.14 17.27
CA PRO B 382 -10.73 19.25 18.68
C PRO B 382 -10.45 17.87 19.27
N GLY B 383 -9.53 17.81 20.23
CA GLY B 383 -9.23 16.57 20.89
C GLY B 383 -8.73 16.80 22.30
N LEU B 384 -8.83 15.77 23.13
CA LEU B 384 -8.35 15.84 24.50
C LEU B 384 -7.78 14.49 24.87
N TYR B 385 -6.48 14.45 25.16
CA TYR B 385 -5.81 13.16 25.33
C TYR B 385 -5.05 13.11 26.64
N PHE B 386 -4.73 11.89 27.06
CA PHE B 386 -3.90 11.67 28.24
C PHE B 386 -2.66 10.89 27.81
N ILE B 387 -1.64 11.65 27.41
CA ILE B 387 -0.43 11.12 26.80
C ILE B 387 0.69 11.09 27.83
N ASP B 388 1.25 9.90 28.03
CA ASP B 388 2.29 9.68 29.03
C ASP B 388 3.41 10.70 28.92
N SER B 389 4.01 10.77 27.74
CA SER B 389 5.13 11.67 27.51
C SER B 389 4.83 13.12 27.89
N LEU B 390 3.69 13.62 27.44
CA LEU B 390 3.33 15.01 27.66
C LEU B 390 2.97 15.28 29.12
N LEU B 391 2.36 14.30 29.78
CA LEU B 391 1.99 14.43 31.19
C LEU B 391 3.25 14.30 32.05
N GLY B 392 4.22 13.55 31.56
CA GLY B 392 5.49 13.41 32.25
C GLY B 392 6.25 14.73 32.28
N ASP B 393 6.25 15.42 31.14
CA ASP B 393 6.85 16.75 31.02
C ASP B 393 6.11 17.75 31.91
N LEU B 394 4.79 17.55 32.05
CA LEU B 394 3.98 18.43 32.86
C LEU B 394 4.36 18.24 34.32
N ALA B 395 4.62 16.99 34.69
CA ALA B 395 4.98 16.69 36.07
C ALA B 395 6.37 17.20 36.44
N ALA B 396 7.10 17.77 35.49
CA ALA B 396 8.44 18.29 35.80
C ALA B 396 8.44 19.81 36.00
N THR B 397 7.40 20.47 35.51
CA THR B 397 7.36 21.93 35.53
C THR B 397 6.78 22.42 36.85
N ASP B 398 6.80 23.75 37.03
CA ASP B 398 6.22 24.36 38.22
C ASP B 398 4.70 24.51 38.13
N ASN B 399 4.07 23.69 37.29
CA ASN B 399 2.61 23.60 37.22
C ASN B 399 2.10 22.29 37.80
N ASN B 400 3.01 21.56 38.44
CA ASN B 400 2.68 20.32 39.12
C ASN B 400 1.47 20.39 40.02
N GLN B 401 1.56 21.33 40.96
CA GLN B 401 0.55 21.55 42.02
C GLN B 401 -0.87 21.70 41.50
N HIS B 402 -1.02 22.11 40.25
CA HIS B 402 -2.31 22.48 39.71
C HIS B 402 -3.05 21.31 39.07
N ILE B 403 -2.38 20.16 38.98
CA ILE B 403 -2.97 19.00 38.32
C ILE B 403 -3.48 17.93 39.29
N ASN B 404 -4.70 17.47 39.02
CA ASN B 404 -5.28 16.34 39.74
C ASN B 404 -4.77 15.04 39.11
N TRP B 405 -3.68 14.52 39.66
CA TRP B 405 -3.01 13.35 39.08
C TRP B 405 -3.77 12.06 39.31
N ASP B 406 -4.61 12.05 40.33
CA ASP B 406 -5.44 10.88 40.58
C ASP B 406 -6.49 10.74 39.49
N LYS B 407 -7.11 11.85 39.12
CA LYS B 407 -8.09 11.86 38.04
C LYS B 407 -7.46 11.54 36.67
N VAL B 408 -6.28 12.10 36.43
CA VAL B 408 -5.53 11.78 35.22
C VAL B 408 -5.30 10.28 35.13
N ALA B 409 -4.94 9.69 36.27
CA ALA B 409 -4.64 8.26 36.34
C ALA B 409 -5.89 7.43 36.01
N GLU B 410 -7.05 7.87 36.48
CA GLU B 410 -8.33 7.21 36.24
C GLU B 410 -8.82 7.33 34.79
N LEU B 411 -8.41 8.39 34.12
CA LEU B 411 -8.84 8.64 32.75
C LEU B 411 -7.83 8.11 31.73
N LYS B 412 -6.59 7.90 32.17
CA LYS B 412 -5.53 7.42 31.30
C LYS B 412 -5.86 6.11 30.56
N PRO B 413 -6.58 5.17 31.22
CA PRO B 413 -6.92 3.92 30.52
C PRO B 413 -7.82 4.09 29.29
N PHE B 414 -8.44 5.26 29.13
CA PHE B 414 -9.32 5.51 28.00
C PHE B 414 -8.61 6.18 26.83
N GLY B 415 -7.34 6.51 27.03
CA GLY B 415 -6.53 7.06 25.96
C GLY B 415 -6.78 8.53 25.64
N GLY B 416 -7.92 8.82 25.04
CA GLY B 416 -8.14 10.18 24.57
C GLY B 416 -9.35 10.32 23.67
N ILE B 417 -9.55 11.52 23.17
CA ILE B 417 -10.77 11.88 22.47
C ILE B 417 -10.47 12.74 21.28
N ARG B 418 -11.00 12.37 20.11
CA ARG B 418 -11.03 13.29 18.98
C ARG B 418 -12.33 13.14 18.18
N ILE B 419 -12.87 14.28 17.77
CA ILE B 419 -14.09 14.35 16.99
C ILE B 419 -13.87 15.30 15.82
N GLU B 420 -14.04 14.77 14.62
CA GLU B 420 -13.57 15.45 13.43
C GLU B 420 -14.61 15.40 12.32
N ASP B 421 -14.99 16.57 11.80
CA ASP B 421 -15.92 16.68 10.68
C ASP B 421 -15.26 17.37 9.48
N ASN B 422 -15.83 17.14 8.30
CA ASN B 422 -15.47 17.89 7.11
C ASN B 422 -16.60 18.86 6.77
N ILE B 423 -16.29 20.15 6.72
CA ILE B 423 -17.30 21.20 6.51
C ILE B 423 -17.01 22.05 5.28
N ILE B 424 -18.04 22.29 4.47
CA ILE B 424 -17.90 23.27 3.42
C ILE B 424 -18.38 24.65 3.89
N VAL B 425 -17.60 25.67 3.57
CA VAL B 425 -17.99 27.04 3.85
C VAL B 425 -18.67 27.64 2.62
N HIS B 426 -19.89 28.11 2.82
CA HIS B 426 -20.61 28.84 1.79
C HIS B 426 -20.66 30.30 2.20
N GLU B 427 -21.07 31.19 1.31
CA GLU B 427 -21.02 32.60 1.64
C GLU B 427 -21.96 32.90 2.81
N ASP B 428 -23.06 32.18 2.84
N ASP B 428 -23.10 32.23 2.84
CA ASP B 428 -24.18 32.49 3.72
CA ASP B 428 -24.11 32.56 3.86
C ASP B 428 -24.36 31.44 4.82
C ASP B 428 -24.29 31.45 4.90
N SER B 429 -23.87 30.24 4.56
CA SER B 429 -24.13 29.10 5.42
C SER B 429 -22.95 28.15 5.46
N LEU B 430 -23.00 27.18 6.36
CA LEU B 430 -22.00 26.12 6.44
C LEU B 430 -22.64 24.79 6.14
N GLU B 431 -21.88 23.91 5.52
CA GLU B 431 -22.40 22.61 5.18
C GLU B 431 -21.54 21.52 5.77
N ASN B 432 -21.90 21.10 6.98
CA ASN B 432 -21.23 20.01 7.65
C ASN B 432 -21.59 18.68 7.01
N MET B 433 -20.78 18.26 6.03
CA MET B 433 -21.07 17.06 5.25
C MET B 433 -21.20 15.85 6.14
N THR B 434 -20.41 15.80 7.22
CA THR B 434 -20.34 14.62 8.06
C THR B 434 -21.59 14.43 8.94
N ARG B 435 -22.05 15.50 9.59
CA ARG B 435 -23.24 15.40 10.44
C ARG B 435 -24.54 15.39 9.62
N GLU B 436 -24.50 15.92 8.41
CA GLU B 436 -25.64 15.79 7.51
C GLU B 436 -25.89 14.33 7.12
N LEU B 437 -24.85 13.50 7.10
CA LEU B 437 -24.98 12.10 6.71
C LEU B 437 -25.24 11.20 7.92
N GLU B 438 -25.72 11.81 9.00
CA GLU B 438 -26.30 11.07 10.12
C GLU B 438 -25.31 10.19 10.89
N LEU B 439 -24.08 10.67 11.01
CA LEU B 439 -23.09 10.06 11.89
C LEU B 439 -22.92 10.94 13.12
N ASP B 440 -23.49 10.51 14.24
CA ASP B 440 -23.57 11.36 15.43
C ASP B 440 -22.22 11.52 16.15
MN MN C . 4.24 -18.29 -8.37
MN MN D . 1.11 -17.52 -7.62
BA BA E . 6.85 -38.66 -26.29
MN MN F . 39.04 -8.37 6.82
MN MN G . 41.33 -3.69 7.27
BA BA H . -12.05 -36.70 -24.81
BA BA I . -16.19 -35.13 -23.93
P M44 J . 2.99 -15.87 -10.16
C1 M44 J . 1.76 -14.59 -8.30
N1 M44 J . 2.41 -14.41 -9.57
O1 M44 J . 4.54 -15.99 -9.80
C2 M44 J . 2.76 -14.22 -7.18
N2 M44 J . 2.90 -15.75 -11.84
O2 M44 J . 2.27 -17.07 -9.39
C3 M44 J . 0.54 -13.68 -8.28
C4 M44 J . 1.66 -16.24 -12.37
C5 M44 J . 1.98 -17.25 -13.48
C6 M44 J . 0.85 -15.06 -12.92
MN MN K . -8.51 12.58 10.81
MN MN L . -7.70 15.69 9.81
MN MN M . -21.55 29.50 -12.70
P M44 N . -5.66 13.82 11.13
C1 M44 N . -4.24 14.19 13.37
N1 M44 N . -5.56 14.22 12.77
O1 M44 N . -5.17 15.02 10.20
C2 M44 N . -4.28 15.03 14.65
N2 M44 N . -4.89 12.34 10.92
O2 M44 N . -7.21 13.65 10.78
C3 M44 N . -3.82 12.75 13.71
C4 M44 N . -5.60 11.54 9.96
C5 M44 N . -4.92 10.16 9.91
C6 M44 N . -5.60 12.23 8.59
C1 GOL O . 6.49 35.04 -24.38
O1 GOL O . 6.99 34.25 -25.42
C2 GOL O . 5.01 35.25 -24.60
O2 GOL O . 4.40 34.00 -24.43
C3 GOL O . 4.38 36.20 -23.62
O3 GOL O . 2.99 36.04 -23.85
H11 GOL O . 6.94 35.90 -24.37
H12 GOL O . 6.62 34.59 -23.52
HO1 GOL O . 7.74 33.87 -25.16
H2 GOL O . 4.87 35.56 -25.51
HO2 GOL O . 4.75 33.42 -25.01
H31 GOL O . 4.60 35.96 -22.71
H32 GOL O . 4.65 37.12 -23.82
HO3 GOL O . 2.58 36.80 -23.69
#